data_3UYH
# 
_entry.id   3UYH 
# 
_audit_conform.dict_name       mmcif_pdbx.dic 
_audit_conform.dict_version    5.379 
_audit_conform.dict_location   http://mmcif.pdb.org/dictionaries/ascii/mmcif_pdbx.dic 
# 
loop_
_database_2.database_id 
_database_2.database_code 
_database_2.pdbx_database_accession 
_database_2.pdbx_DOI 
PDB   3UYH         pdb_00003uyh 10.2210/pdb3uyh/pdb 
NDB   NA1463       ?            ?                   
RCSB  RCSB069367   ?            ?                   
WWPDB D_1000069367 ?            ?                   
# 
loop_
_pdbx_database_related.db_name 
_pdbx_database_related.db_id 
_pdbx_database_related.details 
_pdbx_database_related.content_type 
PDB 3SC8 'Same G-quadruplex bound by a similar naphthalene diimide-based ligand.' unspecified 
PDB 3T5E 'Same G-quadruplex bound by a similar naphthalene diimide-based ligand.' unspecified 
PDB 3CCO '12-mer G-quadruplex bound by a naphthalene diimide-based ligand.'       unspecified 
PDB 3CDM '23-mer G-quadruplex bound by a naphthalene diimide-based ligand.'       unspecified 
# 
_pdbx_database_status.status_code                     REL 
_pdbx_database_status.entry_id                        3UYH 
_pdbx_database_status.recvd_initial_deposition_date   2011-12-06 
_pdbx_database_status.deposit_site                    RCSB 
_pdbx_database_status.process_site                    RCSB 
_pdbx_database_status.status_code_sf                  REL 
_pdbx_database_status.status_code_mr                  ? 
_pdbx_database_status.SG_entry                        ? 
_pdbx_database_status.status_code_cs                  ? 
_pdbx_database_status.methods_development_category    ? 
_pdbx_database_status.pdb_format_compatible           Y 
_pdbx_database_status.status_code_nmr_data            ? 
# 
loop_
_audit_author.name 
_audit_author.pdbx_ordinal 
'Collie, G.W.' 1 
'Neidle, S.'   2 
# 
_citation.id                        primary 
_citation.title                     
;Structure-based design and evaluation of naphthalene diimide g-quadruplex ligands as telomere targeting agents in pancreatic cancer cells.
;
_citation.journal_abbrev            J.Med.Chem. 
_citation.journal_volume            56 
_citation.page_first                2959 
_citation.page_last                 2974 
_citation.year                      2013 
_citation.journal_id_ASTM           JMCMAR 
_citation.country                   US 
_citation.journal_id_ISSN           0022-2623 
_citation.journal_id_CSD            0151 
_citation.book_publisher            ? 
_citation.pdbx_database_id_PubMed   23514618 
_citation.pdbx_database_id_DOI      10.1021/jm301899y 
# 
loop_
_citation_author.citation_id 
_citation_author.name 
_citation_author.ordinal 
_citation_author.identifier_ORCID 
primary 'Micco, M.'      1 ? 
primary 'Collie, G.W.'   2 ? 
primary 'Dale, A.G.'     3 ? 
primary 'Ohnmacht, S.A.' 4 ? 
primary 'Pazitna, I.'    5 ? 
primary 'Gunaratnam, M.' 6 ? 
primary 'Reszka, A.P.'   7 ? 
primary 'Neidle, S.'     8 ? 
# 
_cell.entry_id           3UYH 
_cell.length_a           51.360 
_cell.length_b           51.360 
_cell.length_c           51.730 
_cell.angle_alpha        90.00 
_cell.angle_beta         90.00 
_cell.angle_gamma        120.00 
_cell.Z_PDB              6 
_cell.pdbx_unique_axis   ? 
_cell.length_a_esd       ? 
_cell.length_b_esd       ? 
_cell.length_c_esd       ? 
_cell.angle_alpha_esd    ? 
_cell.angle_beta_esd     ? 
_cell.angle_gamma_esd    ? 
# 
_symmetry.entry_id                         3UYH 
_symmetry.space_group_name_H-M             'P 31 2 1' 
_symmetry.pdbx_full_space_group_name_H-M   ? 
_symmetry.cell_setting                     ? 
_symmetry.Int_Tables_number                152 
_symmetry.space_group_name_Hall            ? 
# 
loop_
_entity.id 
_entity.type 
_entity.src_method 
_entity.pdbx_description 
_entity.formula_weight 
_entity.pdbx_number_of_molecules 
_entity.pdbx_ec 
_entity.pdbx_mutation 
_entity.pdbx_fragment 
_entity.details 
1 polymer     syn 'human telomeric DNA sequence' 6983.497 1  ? ? ? ? 
2 non-polymer syn 'POTASSIUM ION' 39.098   3  ? ? ? ? 
3 non-polymer syn 
;4,9-bis{[3-(4-methylpiperazin-1-yl)propyl]amino}-2,7-bis[3-(morpholin-4-yl)propyl]benzo[lmn][3,8]phenanthroline-1,3,6,8(2H,7H)-tetrone
;
831.058  1  ? ? ? ? 
4 water       nat water 18.015   51 ? ? ? ? 
# 
_entity_poly.entity_id                      1 
_entity_poly.type                           polydeoxyribonucleotide 
_entity_poly.nstd_linkage                   no 
_entity_poly.nstd_monomer                   no 
_entity_poly.pdbx_seq_one_letter_code       
;(DA)(DG)(DG)(DG)(DT)(DT)(DA)(DG)(DG)(DG)(DT)(DT)(DA)(DG)(DG)(DG)(DT)(DT)(DA)(DG)
(DG)(DG)
;
_entity_poly.pdbx_seq_one_letter_code_can   AGGGTTAGGGTTAGGGTTAGGG 
_entity_poly.pdbx_strand_id                 A 
_entity_poly.pdbx_target_identifier         ? 
# 
loop_
_entity_poly_seq.entity_id 
_entity_poly_seq.num 
_entity_poly_seq.mon_id 
_entity_poly_seq.hetero 
1 1  DA n 
1 2  DG n 
1 3  DG n 
1 4  DG n 
1 5  DT n 
1 6  DT n 
1 7  DA n 
1 8  DG n 
1 9  DG n 
1 10 DG n 
1 11 DT n 
1 12 DT n 
1 13 DA n 
1 14 DG n 
1 15 DG n 
1 16 DG n 
1 17 DT n 
1 18 DT n 
1 19 DA n 
1 20 DG n 
1 21 DG n 
1 22 DG n 
# 
_pdbx_entity_src_syn.entity_id              1 
_pdbx_entity_src_syn.pdbx_src_id            1 
_pdbx_entity_src_syn.pdbx_alt_source_flag   sample 
_pdbx_entity_src_syn.pdbx_beg_seq_num       ? 
_pdbx_entity_src_syn.pdbx_end_seq_num       ? 
_pdbx_entity_src_syn.organism_scientific    'Synthetic DNA' 
_pdbx_entity_src_syn.organism_common_name   ? 
_pdbx_entity_src_syn.ncbi_taxonomy_id       32630 
_pdbx_entity_src_syn.details                'DNA synthesised by standard phosphoramidite chemistry.' 
# 
_struct_ref.id                         1 
_struct_ref.db_name                    PDB 
_struct_ref.db_code                    3UYH 
_struct_ref.pdbx_db_accession          3UYH 
_struct_ref.entity_id                  1 
_struct_ref.pdbx_align_begin           1 
_struct_ref.pdbx_seq_one_letter_code   AGGGTTAGGGTTAGGGTTAGGG 
_struct_ref.pdbx_db_isoform            ? 
# 
_struct_ref_seq.align_id                      1 
_struct_ref_seq.ref_id                        1 
_struct_ref_seq.pdbx_PDB_id_code              3UYH 
_struct_ref_seq.pdbx_strand_id                A 
_struct_ref_seq.seq_align_beg                 1 
_struct_ref_seq.pdbx_seq_align_beg_ins_code   ? 
_struct_ref_seq.seq_align_end                 22 
_struct_ref_seq.pdbx_seq_align_end_ins_code   ? 
_struct_ref_seq.pdbx_db_accession             3UYH 
_struct_ref_seq.db_align_beg                  1 
_struct_ref_seq.pdbx_db_align_beg_ins_code    ? 
_struct_ref_seq.db_align_end                  22 
_struct_ref_seq.pdbx_db_align_end_ins_code    ? 
_struct_ref_seq.pdbx_auth_seq_align_beg       1 
_struct_ref_seq.pdbx_auth_seq_align_end       22 
# 
loop_
_chem_comp.id 
_chem_comp.type 
_chem_comp.mon_nstd_flag 
_chem_comp.name 
_chem_comp.pdbx_synonyms 
_chem_comp.formula 
_chem_comp.formula_weight 
0DX non-polymer   . 
;4,9-bis{[3-(4-methylpiperazin-1-yl)propyl]amino}-2,7-bis[3-(morpholin-4-yl)propyl]benzo[lmn][3,8]phenanthroline-1,3,6,8(2H,7H)-tetrone
;
? 'C44 H66 N10 O6'  831.058 
DA  'DNA linking' y "2'-DEOXYADENOSINE-5'-MONOPHOSPHATE" ? 'C10 H14 N5 O6 P' 331.222 
DG  'DNA linking' y "2'-DEOXYGUANOSINE-5'-MONOPHOSPHATE" ? 'C10 H14 N5 O7 P' 347.221 
DT  'DNA linking' y "THYMIDINE-5'-MONOPHOSPHATE" ? 'C10 H15 N2 O8 P' 322.208 
HOH non-polymer   . WATER ? 'H2 O'            18.015  
K   non-polymer   . 'POTASSIUM ION' ? 'K 1'             39.098  
# 
_exptl.entry_id          3UYH 
_exptl.method            'X-RAY DIFFRACTION' 
_exptl.crystals_number   1 
# 
_exptl_crystal.id                    1 
_exptl_crystal.density_meas          ? 
_exptl_crystal.density_Matthews      2.83 
_exptl_crystal.density_percent_sol   56.60 
_exptl_crystal.description           ? 
_exptl_crystal.F_000                 ? 
_exptl_crystal.preparation           ? 
# 
_exptl_crystal_grow.crystal_id      1 
_exptl_crystal_grow.method          'VAPOR DIFFUSION, HANGING DROP' 
_exptl_crystal_grow.temp            293 
_exptl_crystal_grow.temp_details    ? 
_exptl_crystal_grow.pH              6.5 
_exptl_crystal_grow.pdbx_pH_range   ? 
_exptl_crystal_grow.pdbx_details    
;15% PEG400, 100 mM sodium chloride, 100 mM lithium chloride, 100 mM potassium bromide, 50 mM sodium cacodylate (pH 6.5)., VAPOR DIFFUSION, HANGING DROP, temperature 293K
;
# 
_diffrn.id                     1 
_diffrn.ambient_temp           100 
_diffrn.ambient_temp_details   ? 
_diffrn.crystal_id             1 
# 
_diffrn_detector.diffrn_id              1 
_diffrn_detector.detector               CCD 
_diffrn_detector.type                   'ADSC QUANTUM 315r' 
_diffrn_detector.pdbx_collection_date   2011-12-05 
_diffrn_detector.details                ? 
# 
_diffrn_radiation.diffrn_id                        1 
_diffrn_radiation.wavelength_id                    1 
_diffrn_radiation.pdbx_monochromatic_or_laue_m_l   M 
_diffrn_radiation.monochromator                    'SI 111 CHANNEL' 
_diffrn_radiation.pdbx_diffrn_protocol             'SINGLE WAVELENGTH' 
_diffrn_radiation.pdbx_scattering_type             x-ray 
# 
_diffrn_radiation_wavelength.id           1 
_diffrn_radiation_wavelength.wavelength   0.9795 
_diffrn_radiation_wavelength.wt           1.0 
# 
_diffrn_source.diffrn_id                   1 
_diffrn_source.source                      SYNCHROTRON 
_diffrn_source.type                        'DIAMOND BEAMLINE I04' 
_diffrn_source.pdbx_synchrotron_site       Diamond 
_diffrn_source.pdbx_synchrotron_beamline   I04 
_diffrn_source.pdbx_wavelength             ? 
_diffrn_source.pdbx_wavelength_list        0.9795 
# 
_reflns.pdbx_diffrn_id               1 
_reflns.pdbx_ordinal                 1 
_reflns.entry_id                     3UYH 
_reflns.observed_criterion_sigma_I   2 
_reflns.observed_criterion_sigma_F   ? 
_reflns.d_resolution_low             22.36 
_reflns.d_resolution_high            1.84 
_reflns.number_obs                   7126 
_reflns.number_all                   ? 
_reflns.percent_possible_obs         99.6 
_reflns.pdbx_Rmerge_I_obs            0.06 
_reflns.pdbx_Rsym_value              ? 
_reflns.pdbx_netI_over_sigmaI        21.00 
_reflns.B_iso_Wilson_estimate        ? 
_reflns.pdbx_redundancy              10.5 
_reflns.R_free_details               ? 
_reflns.pdbx_chi_squared             ? 
_reflns.pdbx_scaling_rejects         ? 
# 
_reflns_shell.pdbx_diffrn_id         1 
_reflns_shell.pdbx_ordinal           1 
_reflns_shell.d_res_high             1.84 
_reflns_shell.d_res_low              1.88 
_reflns_shell.percent_possible_all   100 
_reflns_shell.Rmerge_I_obs           0.8 
_reflns_shell.pdbx_Rsym_value        ? 
_reflns_shell.meanI_over_sigI_obs    2.9 
_reflns_shell.pdbx_redundancy        10.7 
_reflns_shell.percent_possible_obs   ? 
_reflns_shell.number_unique_all      ? 
_reflns_shell.number_measured_all    ? 
_reflns_shell.number_measured_obs    ? 
_reflns_shell.number_unique_obs      ? 
_reflns_shell.pdbx_chi_squared       ? 
# 
_refine.pdbx_refine_id                           'X-RAY DIFFRACTION' 
_refine.entry_id                                 3UYH 
_refine.pdbx_diffrn_id                           1 
_refine.pdbx_TLS_residual_ADP_flag               ? 
_refine.ls_number_reflns_obs                     5693 
_refine.ls_number_reflns_all                     2807 
_refine.pdbx_ls_sigma_I                          ? 
_refine.pdbx_ls_sigma_F                          . 
_refine.pdbx_data_cutoff_high_absF               ? 
_refine.pdbx_data_cutoff_low_absF                ? 
_refine.pdbx_data_cutoff_high_rms_absF           ? 
_refine.ls_d_res_low                             12.00 
_refine.ls_d_res_high                            1.95 
_refine.ls_percent_reflns_obs                    98.74 
_refine.ls_R_factor_obs                          0.23309 
_refine.ls_R_factor_all                          ? 
_refine.ls_R_factor_R_work                       0.23123 
_refine.ls_R_factor_R_free                       0.27496 
_refine.ls_R_factor_R_free_error                 ? 
_refine.ls_R_factor_R_free_error_details         ? 
_refine.ls_percent_reflns_R_free                 4.5 
_refine.ls_number_reflns_R_free                  271 
_refine.ls_number_parameters                     ? 
_refine.ls_number_restraints                     ? 
_refine.occupancy_min                            ? 
_refine.occupancy_max                            ? 
_refine.correlation_coeff_Fo_to_Fc               0.948 
_refine.correlation_coeff_Fo_to_Fc_free          0.920 
_refine.B_iso_mean                               40.963 
_refine.aniso_B[1][1]                            -0.03 
_refine.aniso_B[2][2]                            -0.03 
_refine.aniso_B[3][3]                            0.04 
_refine.aniso_B[1][2]                            -0.01 
_refine.aniso_B[1][3]                            0.00 
_refine.aniso_B[2][3]                            0.00 
_refine.solvent_model_details                    MASK 
_refine.solvent_model_param_ksol                 ? 
_refine.solvent_model_param_bsol                 ? 
_refine.pdbx_solvent_vdw_probe_radii             1.20 
_refine.pdbx_solvent_ion_probe_radii             0.80 
_refine.pdbx_solvent_shrinkage_radii             0.80 
_refine.pdbx_ls_cross_valid_method               THROUGHOUT 
_refine.details                                  'HYDROGENS HAVE BEEN USED IF PRESENT IN THE INPUT' 
_refine.pdbx_starting_model                      'PDB ENTRY 3SC8' 
_refine.pdbx_method_to_determine_struct          'MOLECULAR REPLACEMENT' 
_refine.pdbx_isotropic_thermal_model             ? 
_refine.pdbx_stereochemistry_target_values       'MAXIMUM LIKELIHOOD' 
_refine.pdbx_stereochem_target_val_spec_case     ? 
_refine.pdbx_R_Free_selection_details            RANDOM 
_refine.pdbx_overall_ESU_R                       0.192 
_refine.pdbx_overall_ESU_R_Free                  0.175 
_refine.overall_SU_ML                            0.118 
_refine.pdbx_overall_phase_error                 ? 
_refine.overall_SU_B                             4.218 
_refine.overall_SU_R_Cruickshank_DPI             ? 
_refine.pdbx_overall_SU_R_free_Cruickshank_DPI   ? 
_refine.pdbx_overall_SU_R_Blow_DPI               ? 
_refine.pdbx_overall_SU_R_free_Blow_DPI          ? 
_refine.ls_redundancy_reflns_obs                 ? 
_refine.overall_SU_R_free                        ? 
_refine.ls_wR_factor_R_free                      ? 
_refine.ls_wR_factor_R_work                      ? 
_refine.overall_FOM_free_R_set                   ? 
_refine.overall_FOM_work_R_set                   ? 
# 
_refine_hist.pdbx_refine_id                   'X-RAY DIFFRACTION' 
_refine_hist.cycle_id                         LAST 
_refine_hist.pdbx_number_atoms_protein        0 
_refine_hist.pdbx_number_atoms_nucleic_acid   447 
_refine_hist.pdbx_number_atoms_ligand         63 
_refine_hist.number_atoms_solvent             51 
_refine_hist.number_atoms_total               561 
_refine_hist.d_res_high                       1.95 
_refine_hist.d_res_low                        12.00 
# 
loop_
_refine_ls_restr.type 
_refine_ls_restr.dev_ideal 
_refine_ls_restr.dev_ideal_target 
_refine_ls_restr.weight 
_refine_ls_restr.number 
_refine_ls_restr.pdbx_refine_id 
_refine_ls_restr.pdbx_restraint_function 
r_bond_refined_d             0.007 0.012 ? 593 'X-RAY DIFFRACTION' ? 
r_bond_other_d               ?     ?     ? ?   'X-RAY DIFFRACTION' ? 
r_angle_refined_deg          2.008 1.512 ? 911 'X-RAY DIFFRACTION' ? 
r_angle_other_deg            ?     ?     ? ?   'X-RAY DIFFRACTION' ? 
r_dihedral_angle_1_deg       ?     ?     ? ?   'X-RAY DIFFRACTION' ? 
r_dihedral_angle_2_deg       ?     ?     ? ?   'X-RAY DIFFRACTION' ? 
r_dihedral_angle_3_deg       ?     ?     ? ?   'X-RAY DIFFRACTION' ? 
r_dihedral_angle_4_deg       ?     ?     ? ?   'X-RAY DIFFRACTION' ? 
r_chiral_restr               0.079 0.200 ? 66  'X-RAY DIFFRACTION' ? 
r_gen_planes_refined         0.013 0.020 ? 271 'X-RAY DIFFRACTION' ? 
r_gen_planes_other           ?     ?     ? ?   'X-RAY DIFFRACTION' ? 
r_nbd_refined                ?     ?     ? ?   'X-RAY DIFFRACTION' ? 
r_nbd_other                  ?     ?     ? ?   'X-RAY DIFFRACTION' ? 
r_nbtor_refined              ?     ?     ? ?   'X-RAY DIFFRACTION' ? 
r_nbtor_other                ?     ?     ? ?   'X-RAY DIFFRACTION' ? 
r_xyhbond_nbd_refined        ?     ?     ? ?   'X-RAY DIFFRACTION' ? 
r_xyhbond_nbd_other          ?     ?     ? ?   'X-RAY DIFFRACTION' ? 
r_metal_ion_refined          ?     ?     ? ?   'X-RAY DIFFRACTION' ? 
r_metal_ion_other            ?     ?     ? ?   'X-RAY DIFFRACTION' ? 
r_symmetry_vdw_refined       ?     ?     ? ?   'X-RAY DIFFRACTION' ? 
r_symmetry_vdw_other         ?     ?     ? ?   'X-RAY DIFFRACTION' ? 
r_symmetry_hbond_refined     ?     ?     ? ?   'X-RAY DIFFRACTION' ? 
r_symmetry_hbond_other       ?     ?     ? ?   'X-RAY DIFFRACTION' ? 
r_symmetry_metal_ion_refined ?     ?     ? ?   'X-RAY DIFFRACTION' ? 
r_symmetry_metal_ion_other   ?     ?     ? ?   'X-RAY DIFFRACTION' ? 
r_mcbond_it                  ?     ?     ? ?   'X-RAY DIFFRACTION' ? 
r_mcbond_other               ?     ?     ? ?   'X-RAY DIFFRACTION' ? 
r_mcangle_it                 ?     ?     ? ?   'X-RAY DIFFRACTION' ? 
r_scbond_it                  ?     ?     ? ?   'X-RAY DIFFRACTION' ? 
r_scangle_it                 ?     ?     ? ?   'X-RAY DIFFRACTION' ? 
r_rigid_bond_restr           ?     ?     ? ?   'X-RAY DIFFRACTION' ? 
r_sphericity_free            ?     ?     ? ?   'X-RAY DIFFRACTION' ? 
r_sphericity_bonded          ?     ?     ? ?   'X-RAY DIFFRACTION' ? 
# 
_refine_ls_shell.pdbx_refine_id                   'X-RAY DIFFRACTION' 
_refine_ls_shell.pdbx_total_number_of_bins_used   20 
_refine_ls_shell.d_res_high                       1.950 
_refine_ls_shell.d_res_low                        1.999 
_refine_ls_shell.number_reflns_R_work             361 
_refine_ls_shell.R_factor_R_work                  0.423 
_refine_ls_shell.percent_reflns_obs               100.00 
_refine_ls_shell.R_factor_R_free                  0.407 
_refine_ls_shell.R_factor_R_free_error            ? 
_refine_ls_shell.percent_reflns_R_free            ? 
_refine_ls_shell.number_reflns_R_free             23 
_refine_ls_shell.number_reflns_all                ? 
_refine_ls_shell.R_factor_all                     ? 
_refine_ls_shell.redundancy_reflns_obs            ? 
_refine_ls_shell.number_reflns_obs                ? 
# 
_struct.entry_id                  3UYH 
_struct.title                     
'Crystal structure of an intramolecular human telomeric DNA G-quadruplex bound by the naphthalene diimide compound, MM41' 
_struct.pdbx_model_details        ? 
_struct.pdbx_CASP_flag            ? 
_struct.pdbx_model_type_details   ? 
# 
_struct_keywords.entry_id        3UYH 
_struct_keywords.pdbx_keywords   DNA 
_struct_keywords.text            'intramolecular, ligand-complex, G-quadruplex, telomere, DNA' 
# 
loop_
_struct_asym.id 
_struct_asym.pdbx_blank_PDB_chainid_flag 
_struct_asym.pdbx_modified 
_struct_asym.entity_id 
_struct_asym.details 
A N N 1 ? 
B N N 2 ? 
C N N 2 ? 
D N N 2 ? 
E N N 3 ? 
F N N 4 ? 
# 
_struct_biol.id        1 
_struct_biol.details   ? 
# 
loop_
_struct_conn.id 
_struct_conn.conn_type_id 
_struct_conn.pdbx_leaving_atom_flag 
_struct_conn.pdbx_PDB_id 
_struct_conn.ptnr1_label_asym_id 
_struct_conn.ptnr1_label_comp_id 
_struct_conn.ptnr1_label_seq_id 
_struct_conn.ptnr1_label_atom_id 
_struct_conn.pdbx_ptnr1_label_alt_id 
_struct_conn.pdbx_ptnr1_PDB_ins_code 
_struct_conn.pdbx_ptnr1_standard_comp_id 
_struct_conn.ptnr1_symmetry 
_struct_conn.ptnr2_label_asym_id 
_struct_conn.ptnr2_label_comp_id 
_struct_conn.ptnr2_label_seq_id 
_struct_conn.ptnr2_label_atom_id 
_struct_conn.pdbx_ptnr2_label_alt_id 
_struct_conn.pdbx_ptnr2_PDB_ins_code 
_struct_conn.ptnr1_auth_asym_id 
_struct_conn.ptnr1_auth_comp_id 
_struct_conn.ptnr1_auth_seq_id 
_struct_conn.ptnr2_auth_asym_id 
_struct_conn.ptnr2_auth_comp_id 
_struct_conn.ptnr2_auth_seq_id 
_struct_conn.ptnr2_symmetry 
_struct_conn.pdbx_ptnr3_label_atom_id 
_struct_conn.pdbx_ptnr3_label_seq_id 
_struct_conn.pdbx_ptnr3_label_comp_id 
_struct_conn.pdbx_ptnr3_label_asym_id 
_struct_conn.pdbx_ptnr3_label_alt_id 
_struct_conn.pdbx_ptnr3_PDB_ins_code 
_struct_conn.details 
_struct_conn.pdbx_dist_value 
_struct_conn.pdbx_value_order 
_struct_conn.pdbx_role 
metalc1  metalc ? ? A DG 2  O6 ? ? ? 1_555 C K  .  K  ? ? A DG 2  A K  102 1_555 ? ? ? ? ? ? ?           2.767 ? ? 
metalc2  metalc ? ? A DG 2  O6 ? ? ? 1_555 D K  .  K  ? ? A DG 2  A K  103 1_555 ? ? ? ? ? ? ?           2.891 ? ? 
metalc3  metalc ? ? A DG 3  O6 ? ? ? 1_555 B K  .  K  ? ? A DG 3  A K  101 1_555 ? ? ? ? ? ? ?           2.893 ? ? 
metalc4  metalc ? ? A DG 3  O6 ? ? ? 1_555 C K  .  K  ? ? A DG 3  A K  102 1_555 ? ? ? ? ? ? ?           2.728 ? ? 
metalc5  metalc ? ? A DG 4  O6 ? ? ? 1_555 B K  .  K  ? ? A DG 4  A K  101 1_555 ? ? ? ? ? ? ?           2.679 ? ? 
metalc6  metalc ? ? A DG 8  O6 ? ? ? 1_555 C K  .  K  ? ? A DG 8  A K  102 1_555 ? ? ? ? ? ? ?           2.784 ? ? 
metalc7  metalc ? ? A DG 8  O6 ? ? ? 1_555 D K  .  K  ? ? A DG 8  A K  103 1_555 ? ? ? ? ? ? ?           2.787 ? ? 
metalc8  metalc ? ? A DG 9  O6 ? ? ? 1_555 B K  .  K  ? ? A DG 9  A K  101 1_555 ? ? ? ? ? ? ?           2.961 ? ? 
metalc9  metalc ? ? A DG 9  O6 ? ? ? 1_555 C K  .  K  ? ? A DG 9  A K  102 1_555 ? ? ? ? ? ? ?           2.695 ? ? 
metalc10 metalc ? ? A DG 10 O6 ? ? ? 1_555 B K  .  K  ? ? A DG 10 A K  101 1_555 ? ? ? ? ? ? ?           2.640 ? ? 
metalc11 metalc ? ? A DG 14 O6 ? ? ? 1_555 C K  .  K  ? ? A DG 14 A K  102 1_555 ? ? ? ? ? ? ?           2.891 ? ? 
metalc12 metalc ? ? A DG 14 O6 ? ? ? 1_555 D K  .  K  ? ? A DG 14 A K  103 1_555 ? ? ? ? ? ? ?           2.750 ? ? 
metalc13 metalc ? ? A DG 15 O6 ? ? ? 1_555 B K  .  K  ? ? A DG 15 A K  101 1_555 ? ? ? ? ? ? ?           3.031 ? ? 
metalc14 metalc ? ? A DG 15 O6 ? ? ? 1_555 C K  .  K  ? ? A DG 15 A K  102 1_555 ? ? ? ? ? ? ?           2.889 ? ? 
metalc15 metalc ? ? A DG 16 O6 ? ? ? 1_555 B K  .  K  ? ? A DG 16 A K  101 1_555 ? ? ? ? ? ? ?           2.633 ? ? 
metalc16 metalc ? ? A DG 20 O6 ? ? ? 1_555 C K  .  K  ? ? A DG 20 A K  102 1_555 ? ? ? ? ? ? ?           2.817 ? ? 
metalc17 metalc ? ? A DG 20 O6 ? ? ? 1_555 D K  .  K  ? ? A DG 20 A K  103 1_555 ? ? ? ? ? ? ?           2.819 ? ? 
metalc18 metalc ? ? A DG 21 O6 ? ? ? 1_555 B K  .  K  ? ? A DG 21 A K  101 1_555 ? ? ? ? ? ? ?           2.953 ? ? 
metalc19 metalc ? ? A DG 21 O6 ? ? ? 1_555 C K  .  K  ? ? A DG 21 A K  102 1_555 ? ? ? ? ? ? ?           2.785 ? ? 
metalc20 metalc ? ? A DG 22 O6 ? ? ? 1_555 B K  .  K  ? ? A DG 22 A K  101 1_555 ? ? ? ? ? ? ?           2.635 ? ? 
hydrog1  hydrog ? ? A DG 2  N1 ? ? ? 1_555 A DG 8  O6 ? ? A DG 2  A DG 8   1_555 ? ? ? ? ? ? TYPE_6_PAIR ?     ? ? 
hydrog2  hydrog ? ? A DG 2  N2 ? ? ? 1_555 A DG 8  N7 ? ? A DG 2  A DG 8   1_555 ? ? ? ? ? ? TYPE_6_PAIR ?     ? ? 
hydrog3  hydrog ? ? A DG 2  N7 ? ? ? 1_555 A DG 20 N2 ? ? A DG 2  A DG 20  1_555 ? ? ? ? ? ? TYPE_6_PAIR ?     ? ? 
hydrog4  hydrog ? ? A DG 2  O6 ? ? ? 1_555 A DG 20 N1 ? ? A DG 2  A DG 20  1_555 ? ? ? ? ? ? TYPE_6_PAIR ?     ? ? 
hydrog5  hydrog ? ? A DG 3  N1 ? ? ? 1_555 A DG 9  O6 ? ? A DG 3  A DG 9   1_555 ? ? ? ? ? ? TYPE_6_PAIR ?     ? ? 
hydrog6  hydrog ? ? A DG 3  N2 ? ? ? 1_555 A DG 9  N7 ? ? A DG 3  A DG 9   1_555 ? ? ? ? ? ? TYPE_6_PAIR ?     ? ? 
hydrog7  hydrog ? ? A DG 3  N7 ? ? ? 1_555 A DG 21 N2 ? ? A DG 3  A DG 21  1_555 ? ? ? ? ? ? TYPE_6_PAIR ?     ? ? 
hydrog8  hydrog ? ? A DG 3  O6 ? ? ? 1_555 A DG 21 N1 ? ? A DG 3  A DG 21  1_555 ? ? ? ? ? ? TYPE_6_PAIR ?     ? ? 
hydrog9  hydrog ? ? A DG 4  N1 ? ? ? 1_555 A DG 10 O6 ? ? A DG 4  A DG 10  1_555 ? ? ? ? ? ? TYPE_6_PAIR ?     ? ? 
hydrog10 hydrog ? ? A DG 4  N2 ? ? ? 1_555 A DG 10 N7 ? ? A DG 4  A DG 10  1_555 ? ? ? ? ? ? TYPE_6_PAIR ?     ? ? 
hydrog11 hydrog ? ? A DG 4  N7 ? ? ? 1_555 A DG 22 N2 ? ? A DG 4  A DG 22  1_555 ? ? ? ? ? ? TYPE_6_PAIR ?     ? ? 
hydrog12 hydrog ? ? A DG 4  O6 ? ? ? 1_555 A DG 22 N1 ? ? A DG 4  A DG 22  1_555 ? ? ? ? ? ? TYPE_6_PAIR ?     ? ? 
hydrog13 hydrog ? ? A DG 8  N1 ? ? ? 1_555 A DG 14 O6 ? ? A DG 8  A DG 14  1_555 ? ? ? ? ? ? TYPE_6_PAIR ?     ? ? 
hydrog14 hydrog ? ? A DG 8  N2 ? ? ? 1_555 A DG 14 N7 ? ? A DG 8  A DG 14  1_555 ? ? ? ? ? ? TYPE_6_PAIR ?     ? ? 
hydrog15 hydrog ? ? A DG 9  N1 ? ? ? 1_555 A DG 15 O6 ? ? A DG 9  A DG 15  1_555 ? ? ? ? ? ? TYPE_6_PAIR ?     ? ? 
hydrog16 hydrog ? ? A DG 9  N2 ? ? ? 1_555 A DG 15 N7 ? ? A DG 9  A DG 15  1_555 ? ? ? ? ? ? TYPE_6_PAIR ?     ? ? 
hydrog17 hydrog ? ? A DG 10 N1 ? ? ? 1_555 A DG 16 O6 ? ? A DG 10 A DG 16  1_555 ? ? ? ? ? ? TYPE_6_PAIR ?     ? ? 
hydrog18 hydrog ? ? A DG 10 N2 ? ? ? 1_555 A DG 16 N7 ? ? A DG 10 A DG 16  1_555 ? ? ? ? ? ? TYPE_6_PAIR ?     ? ? 
hydrog19 hydrog ? ? A DG 14 N1 ? ? ? 1_555 A DG 20 O6 ? ? A DG 14 A DG 20  1_555 ? ? ? ? ? ? TYPE_6_PAIR ?     ? ? 
hydrog20 hydrog ? ? A DG 14 N2 ? ? ? 1_555 A DG 20 N7 ? ? A DG 14 A DG 20  1_555 ? ? ? ? ? ? TYPE_6_PAIR ?     ? ? 
hydrog21 hydrog ? ? A DG 15 N1 ? ? ? 1_555 A DG 21 O6 ? ? A DG 15 A DG 21  1_555 ? ? ? ? ? ? TYPE_6_PAIR ?     ? ? 
hydrog22 hydrog ? ? A DG 15 N2 ? ? ? 1_555 A DG 21 N7 ? ? A DG 15 A DG 21  1_555 ? ? ? ? ? ? TYPE_6_PAIR ?     ? ? 
hydrog23 hydrog ? ? A DG 16 N1 ? ? ? 1_555 A DG 22 O6 ? ? A DG 16 A DG 22  1_555 ? ? ? ? ? ? TYPE_6_PAIR ?     ? ? 
hydrog24 hydrog ? ? A DG 16 N2 ? ? ? 1_555 A DG 22 N7 ? ? A DG 16 A DG 22  1_555 ? ? ? ? ? ? TYPE_6_PAIR ?     ? ? 
# 
loop_
_struct_conn_type.id 
_struct_conn_type.criteria 
_struct_conn_type.reference 
metalc ? ? 
hydrog ? ? 
# 
loop_
_struct_site.id 
_struct_site.pdbx_evidence_code 
_struct_site.pdbx_auth_asym_id 
_struct_site.pdbx_auth_comp_id 
_struct_site.pdbx_auth_seq_id 
_struct_site.pdbx_auth_ins_code 
_struct_site.pdbx_num_residues 
_struct_site.details 
AC1 Software A K   101 ? 9  'BINDING SITE FOR RESIDUE K A 101'   
AC2 Software A K   102 ? 11 'BINDING SITE FOR RESIDUE K A 102'   
AC3 Software A K   103 ? 10 'BINDING SITE FOR RESIDUE K A 103'   
AC4 Software A 0DX 104 ? 16 'BINDING SITE FOR RESIDUE 0DX A 104' 
# 
loop_
_struct_site_gen.id 
_struct_site_gen.site_id 
_struct_site_gen.pdbx_num_res 
_struct_site_gen.label_comp_id 
_struct_site_gen.label_asym_id 
_struct_site_gen.label_seq_id 
_struct_site_gen.pdbx_auth_ins_code 
_struct_site_gen.auth_comp_id 
_struct_site_gen.auth_asym_id 
_struct_site_gen.auth_seq_id 
_struct_site_gen.label_atom_id 
_struct_site_gen.label_alt_id 
_struct_site_gen.symmetry 
_struct_site_gen.details 
1  AC1 9  DG  A 3  ? DG  A 3   . ? 1_555 ? 
2  AC1 9  DG  A 4  ? DG  A 4   . ? 1_555 ? 
3  AC1 9  DG  A 9  ? DG  A 9   . ? 1_555 ? 
4  AC1 9  DG  A 10 ? DG  A 10  . ? 1_555 ? 
5  AC1 9  DG  A 15 ? DG  A 15  . ? 1_555 ? 
6  AC1 9  DG  A 16 ? DG  A 16  . ? 1_555 ? 
7  AC1 9  DG  A 21 ? DG  A 21  . ? 1_555 ? 
8  AC1 9  DG  A 22 ? DG  A 22  . ? 1_555 ? 
9  AC1 9  K   C .  ? K   A 102 . ? 1_555 ? 
10 AC2 11 DG  A 2  ? DG  A 2   . ? 1_555 ? 
11 AC2 11 DG  A 3  ? DG  A 3   . ? 1_555 ? 
12 AC2 11 DG  A 8  ? DG  A 8   . ? 1_555 ? 
13 AC2 11 DG  A 9  ? DG  A 9   . ? 1_555 ? 
14 AC2 11 DG  A 14 ? DG  A 14  . ? 1_555 ? 
15 AC2 11 DG  A 15 ? DG  A 15  . ? 1_555 ? 
16 AC2 11 DG  A 20 ? DG  A 20  . ? 1_555 ? 
17 AC2 11 DG  A 21 ? DG  A 21  . ? 1_555 ? 
18 AC2 11 K   B .  ? K   A 101 . ? 1_555 ? 
19 AC2 11 K   D .  ? K   A 103 . ? 4_555 ? 
20 AC2 11 K   D .  ? K   A 103 . ? 1_555 ? 
21 AC3 10 DG  A 2  ? DG  A 2   . ? 4_555 ? 
22 AC3 10 DG  A 2  ? DG  A 2   . ? 1_555 ? 
23 AC3 10 DG  A 8  ? DG  A 8   . ? 1_555 ? 
24 AC3 10 DG  A 8  ? DG  A 8   . ? 4_555 ? 
25 AC3 10 DG  A 14 ? DG  A 14  . ? 4_555 ? 
26 AC3 10 DG  A 14 ? DG  A 14  . ? 1_555 ? 
27 AC3 10 DG  A 20 ? DG  A 20  . ? 1_555 ? 
28 AC3 10 DG  A 20 ? DG  A 20  . ? 4_555 ? 
29 AC3 10 K   C .  ? K   A 102 . ? 1_555 ? 
30 AC3 10 K   C .  ? K   A 102 . ? 4_555 ? 
31 AC4 16 DG  A 4  ? DG  A 4   . ? 1_555 ? 
32 AC4 16 DT  A 5  ? DT  A 5   . ? 1_555 ? 
33 AC4 16 DT  A 6  ? DT  A 6   . ? 3_544 ? 
34 AC4 16 DG  A 10 ? DG  A 10  . ? 1_555 ? 
35 AC4 16 DT  A 11 ? DT  A 11  . ? 1_555 ? 
36 AC4 16 DT  A 12 ? DT  A 12  . ? 5_544 ? 
37 AC4 16 DA  A 13 ? DA  A 13  . ? 5_544 ? 
38 AC4 16 DG  A 16 ? DG  A 16  . ? 1_555 ? 
39 AC4 16 DG  A 22 ? DG  A 22  . ? 1_555 ? 
40 AC4 16 HOH F .  ? HOH A 217 . ? 1_555 ? 
41 AC4 16 HOH F .  ? HOH A 219 . ? 1_555 ? 
42 AC4 16 HOH F .  ? HOH A 220 . ? 1_555 ? 
43 AC4 16 HOH F .  ? HOH A 227 . ? 1_555 ? 
44 AC4 16 HOH F .  ? HOH A 229 . ? 1_555 ? 
45 AC4 16 HOH F .  ? HOH A 242 . ? 1_555 ? 
46 AC4 16 HOH F .  ? HOH A 251 . ? 1_555 ? 
# 
_atom_sites.entry_id                    3UYH 
_atom_sites.fract_transf_matrix[1][1]   -0.02017077 
_atom_sites.fract_transf_matrix[1][2]   -0.00959866 
_atom_sites.fract_transf_matrix[1][3]   -0.00253907 
_atom_sites.fract_transf_matrix[2][1]   -0.01504602 
_atom_sites.fract_transf_matrix[2][2]   0.00087647 
_atom_sites.fract_transf_matrix[2][3]   0.01668201 
_atom_sites.fract_transf_matrix[3][1]   -0.00697323 
_atom_sites.fract_transf_matrix[3][2]   0.01654732 
_atom_sites.fract_transf_matrix[3][3]   -0.00715876 
_atom_sites.fract_transf_vector[1]      -0.358652 
_atom_sites.fract_transf_vector[2]      -0.445800 
_atom_sites.fract_transf_vector[3]      -0.100429 
# 
loop_
_atom_type.symbol 
C 
K 
N 
O 
P 
# 
loop_
_atom_site.group_PDB 
_atom_site.id 
_atom_site.type_symbol 
_atom_site.label_atom_id 
_atom_site.label_alt_id 
_atom_site.label_comp_id 
_atom_site.label_asym_id 
_atom_site.label_entity_id 
_atom_site.label_seq_id 
_atom_site.pdbx_PDB_ins_code 
_atom_site.Cartn_x 
_atom_site.Cartn_y 
_atom_site.Cartn_z 
_atom_site.occupancy 
_atom_site.B_iso_or_equiv 
_atom_site.pdbx_formal_charge 
_atom_site.auth_seq_id 
_atom_site.auth_comp_id 
_atom_site.auth_asym_id 
_atom_site.auth_atom_id 
_atom_site.pdbx_PDB_model_num 
ATOM   1   P P     . DG  A 1 2  ? -12.176 5.625   -6.189  1.00 85.12 ? 2   DG  A P     1 
ATOM   2   O OP1   . DG  A 1 2  ? -12.637 4.338   -5.600  1.00 88.37 ? 2   DG  A OP1   1 
ATOM   3   O OP2   . DG  A 1 2  ? -13.079 6.805   -6.197  1.00 82.71 ? 2   DG  A OP2   1 
ATOM   4   O "O5'" . DG  A 1 2  ? -10.878 6.038   -5.368  1.00 67.89 ? 2   DG  A "O5'" 1 
ATOM   5   C "C5'" . DG  A 1 2  ? -9.678  5.278   -5.510  1.00 52.99 ? 2   DG  A "C5'" 1 
ATOM   6   C "C4'" . DG  A 1 2  ? -8.607  6.119   -6.164  1.00 45.12 ? 2   DG  A "C4'" 1 
ATOM   7   O "O4'" . DG  A 1 2  ? -8.045  7.028   -5.180  1.00 39.68 ? 2   DG  A "O4'" 1 
ATOM   8   C "C3'" . DG  A 1 2  ? -7.440  5.288   -6.691  1.00 39.75 ? 2   DG  A "C3'" 1 
ATOM   9   O "O3'" . DG  A 1 2  ? -7.538  5.133   -8.104  1.00 43.19 ? 2   DG  A "O3'" 1 
ATOM   10  C "C2'" . DG  A 1 2  ? -6.221  6.127   -6.361  1.00 36.75 ? 2   DG  A "C2'" 1 
ATOM   11  C "C1'" . DG  A 1 2  ? -6.642  6.851   -5.101  1.00 33.21 ? 2   DG  A "C1'" 1 
ATOM   12  N N9    . DG  A 1 2  ? -6.333  6.185   -3.838  1.00 30.10 ? 2   DG  A N9    1 
ATOM   13  C C8    . DG  A 1 2  ? -7.217  5.669   -2.923  1.00 27.50 ? 2   DG  A C8    1 
ATOM   14  N N7    . DG  A 1 2  ? -6.634  5.194   -1.857  1.00 26.23 ? 2   DG  A N7    1 
ATOM   15  C C5    . DG  A 1 2  ? -5.282  5.417   -2.080  1.00 24.99 ? 2   DG  A C5    1 
ATOM   16  C C6    . DG  A 1 2  ? -4.163  5.139   -1.263  1.00 22.61 ? 2   DG  A C6    1 
ATOM   17  O O6    . DG  A 1 2  ? -4.140  4.612   -0.149  1.00 23.18 ? 2   DG  A O6    1 
ATOM   18  N N1    . DG  A 1 2  ? -2.975  5.532   -1.867  1.00 21.78 ? 2   DG  A N1    1 
ATOM   19  C C2    . DG  A 1 2  ? -2.879  6.144   -3.091  1.00 22.84 ? 2   DG  A C2    1 
ATOM   20  N N2    . DG  A 1 2  ? -1.640  6.449   -3.505  1.00 19.99 ? 2   DG  A N2    1 
ATOM   21  N N3    . DG  A 1 2  ? -3.918  6.419   -3.862  1.00 23.26 ? 2   DG  A N3    1 
ATOM   22  C C4    . DG  A 1 2  ? -5.081  6.039   -3.291  1.00 25.83 ? 2   DG  A C4    1 
ATOM   23  P P     . DG  A 1 3  ? -6.962  3.764   -8.741  1.00 50.67 ? 3   DG  A P     1 
ATOM   24  O OP1   . DG  A 1 3  ? -7.317  3.705   -10.181 1.00 51.25 ? 3   DG  A OP1   1 
ATOM   25  O OP2   . DG  A 1 3  ? -7.270  2.604   -7.851  1.00 46.17 ? 3   DG  A OP2   1 
ATOM   26  O "O5'" . DG  A 1 3  ? -5.385  3.958   -8.644  1.00 43.88 ? 3   DG  A "O5'" 1 
ATOM   27  C "C5'" . DG  A 1 3  ? -4.684  5.027   -9.306  1.00 37.33 ? 3   DG  A "C5'" 1 
ATOM   28  C "C4'" . DG  A 1 3  ? -3.210  4.859   -9.028  1.00 33.81 ? 3   DG  A "C4'" 1 
ATOM   29  O "O4'" . DG  A 1 3  ? -2.984  5.140   -7.630  1.00 32.50 ? 3   DG  A "O4'" 1 
ATOM   30  C "C3'" . DG  A 1 3  ? -2.721  3.430   -9.223  1.00 32.70 ? 3   DG  A "C3'" 1 
ATOM   31  O "O3'" . DG  A 1 3  ? -2.033  3.264   -10.455 1.00 35.80 ? 3   DG  A "O3'" 1 
ATOM   32  C "C2'" . DG  A 1 3  ? -1.614  3.291   -8.202  1.00 31.48 ? 3   DG  A "C2'" 1 
ATOM   33  C "C1'" . DG  A 1 3  ? -1.999  4.263   -7.113  1.00 27.82 ? 3   DG  A "C1'" 1 
ATOM   34  N N9    . DG  A 1 3  ? -2.522  3.668   -5.894  1.00 25.35 ? 3   DG  A N9    1 
ATOM   35  C C8    . DG  A 1 3  ? -3.836  3.489   -5.531  1.00 23.76 ? 3   DG  A C8    1 
ATOM   36  N N7    . DG  A 1 3  ? -3.970  3.002   -4.327  1.00 24.69 ? 3   DG  A N7    1 
ATOM   37  C C5    . DG  A 1 3  ? -2.667  2.866   -3.866  1.00 22.27 ? 3   DG  A C5    1 
ATOM   38  C C6    . DG  A 1 3  ? -2.177  2.419   -2.616  1.00 20.86 ? 3   DG  A C6    1 
ATOM   39  O O6    . DG  A 1 3  ? -2.816  2.021   -1.640  1.00 21.98 ? 3   DG  A O6    1 
ATOM   40  N N1    . DG  A 1 3  ? -0.788  2.440   -2.575  1.00 19.42 ? 3   DG  A N1    1 
ATOM   41  C C2    . DG  A 1 3  ? 0.028   2.857   -3.598  1.00 20.37 ? 3   DG  A C2    1 
ATOM   42  N N2    . DG  A 1 3  ? 1.351   2.793   -3.377  1.00 18.54 ? 3   DG  A N2    1 
ATOM   43  N N3    . DG  A 1 3  ? -0.417  3.303   -4.754  1.00 22.30 ? 3   DG  A N3    1 
ATOM   44  C C4    . DG  A 1 3  ? -1.765  3.274   -4.822  1.00 22.05 ? 3   DG  A C4    1 
ATOM   45  P P     . DG  A 1 4  ? -1.772  1.743   -10.883 1.00 39.20 ? 4   DG  A P     1 
ATOM   46  O OP1   . DG  A 1 4  ? -1.593  1.721   -12.360 1.00 44.47 ? 4   DG  A OP1   1 
ATOM   47  O OP2   . DG  A 1 4  ? -2.782  0.857   -10.246 1.00 38.58 ? 4   DG  A OP2   1 
ATOM   48  O "O5'" . DG  A 1 4  ? -0.336  1.375   -10.320 1.00 32.79 ? 4   DG  A "O5'" 1 
ATOM   49  C "C5'" . DG  A 1 4  ? 0.810   2.180   -10.544 1.00 29.91 ? 4   DG  A "C5'" 1 
ATOM   50  C "C4'" . DG  A 1 4  ? 1.954   1.620   -9.738  1.00 29.49 ? 4   DG  A "C4'" 1 
ATOM   51  O "O4'" . DG  A 1 4  ? 1.581   1.636   -8.335  1.00 29.53 ? 4   DG  A "O4'" 1 
ATOM   52  C "C3'" . DG  A 1 4  ? 2.292   0.167   -10.070 1.00 28.09 ? 4   DG  A "C3'" 1 
ATOM   53  O "O3'" . DG  A 1 4  ? 3.700   -0.023  -9.963  1.00 31.71 ? 4   DG  A "O3'" 1 
ATOM   54  C "C2'" . DG  A 1 4  ? 1.643   -0.617  -8.949  1.00 28.55 ? 4   DG  A "C2'" 1 
ATOM   55  C "C1'" . DG  A 1 4  ? 1.757   0.344   -7.775  1.00 25.93 ? 4   DG  A "C1'" 1 
ATOM   56  N N9    . DG  A 1 4  ? 0.727   0.153   -6.763  1.00 23.08 ? 4   DG  A N9    1 
ATOM   57  C C8    . DG  A 1 4  ? -0.629  0.222   -6.948  1.00 23.29 ? 4   DG  A C8    1 
ATOM   58  N N7    . DG  A 1 4  ? -1.307  -0.028  -5.864  1.00 23.94 ? 4   DG  A N7    1 
ATOM   59  C C5    . DG  A 1 4  ? -0.338  -0.284  -4.904  1.00 22.28 ? 4   DG  A C5    1 
ATOM   60  C C6    . DG  A 1 4  ? -0.470  -0.620  -3.534  1.00 21.35 ? 4   DG  A C6    1 
ATOM   61  O O6    . DG  A 1 4  ? -1.502  -0.754  -2.869  1.00 21.83 ? 4   DG  A O6    1 
ATOM   62  N N1    . DG  A 1 4  ? 0.769   -0.821  -2.936  1.00 20.76 ? 4   DG  A N1    1 
ATOM   63  C C2    . DG  A 1 4  ? 1.980   -0.674  -3.563  1.00 20.25 ? 4   DG  A C2    1 
ATOM   64  N N2    . DG  A 1 4  ? 3.066   -0.891  -2.810  1.00 19.90 ? 4   DG  A N2    1 
ATOM   65  N N3    . DG  A 1 4  ? 2.117   -0.375  -4.843  1.00 21.95 ? 4   DG  A N3    1 
ATOM   66  C C4    . DG  A 1 4  ? 0.924   -0.181  -5.445  1.00 22.04 ? 4   DG  A C4    1 
ATOM   67  P P     A DT  A 1 5  ? 4.842   -0.718  -10.869 0.50 32.99 ? 5   DT  A P     1 
ATOM   68  P P     B DT  A 1 5  ? 4.143   -0.948  -11.194 0.50 33.31 ? 5   DT  A P     1 
ATOM   69  O OP1   A DT  A 1 5  ? 4.388   -2.086  -11.199 0.50 30.66 ? 5   DT  A OP1   1 
ATOM   70  O OP1   B DT  A 1 5  ? 3.155   -2.032  -11.444 0.50 31.68 ? 5   DT  A OP1   1 
ATOM   71  O OP2   A DT  A 1 5  ? 6.137   -0.520  -10.172 0.50 29.88 ? 5   DT  A OP2   1 
ATOM   72  O OP2   B DT  A 1 5  ? 5.574   -1.268  -10.970 0.50 32.58 ? 5   DT  A OP2   1 
ATOM   73  O "O5'" A DT  A 1 5  ? 4.916   0.118   -12.222 0.50 32.58 ? 5   DT  A "O5'" 1 
ATOM   74  O "O5'" B DT  A 1 5  ? 4.002   0.068   -12.411 0.50 32.64 ? 5   DT  A "O5'" 1 
ATOM   75  C "C5'" A DT  A 1 5  ? 5.110   1.543   -12.186 0.50 36.12 ? 5   DT  A "C5'" 1 
ATOM   76  C "C5'" B DT  A 1 5  ? 4.889   1.190   -12.517 0.50 34.83 ? 5   DT  A "C5'" 1 
ATOM   77  C "C4'" A DT  A 1 5  ? 4.492   2.188   -13.402 0.50 36.85 ? 5   DT  A "C4'" 1 
ATOM   78  C "C4'" B DT  A 1 5  ? 4.378   2.153   -13.561 0.50 35.81 ? 5   DT  A "C4'" 1 
ATOM   79  O "O4'" A DT  A 1 5  ? 3.135   2.605   -13.117 0.50 36.85 ? 5   DT  A "O4'" 1 
ATOM   80  O "O4'" B DT  A 1 5  ? 3.102   2.703   -13.160 0.50 35.05 ? 5   DT  A "O4'" 1 
ATOM   81  C "C3'" A DT  A 1 5  ? 5.236   3.430   -13.896 0.50 39.11 ? 5   DT  A "C3'" 1 
ATOM   82  C "C3'" B DT  A 1 5  ? 5.301   3.341   -13.830 0.50 37.78 ? 5   DT  A "C3'" 1 
ATOM   83  O "O3'" A DT  A 1 5  ? 5.585   3.269   -15.278 0.50 41.95 ? 5   DT  A "O3'" 1 
ATOM   84  O "O3'" B DT  A 1 5  ? 5.602   3.364   -15.233 0.50 41.65 ? 5   DT  A "O3'" 1 
ATOM   85  C "C2'" A DT  A 1 5  ? 4.256   4.568   -13.670 0.50 37.72 ? 5   DT  A "C2'" 1 
ATOM   86  C "C2'" B DT  A 1 5  ? 4.505   4.546   -13.353 0.50 36.02 ? 5   DT  A "C2'" 1 
ATOM   87  C "C1'" A DT  A 1 5  ? 2.909   3.880   -13.686 0.50 36.64 ? 5   DT  A "C1'" 1 
ATOM   88  C "C1'" B DT  A 1 5  ? 3.073   4.075   -13.497 0.50 33.61 ? 5   DT  A "C1'" 1 
ATOM   89  N N1    A DT  A 1 5  ? 1.893   4.562   -12.870 0.50 37.17 ? 5   DT  A N1    1 
ATOM   90  N N1    B DT  A 1 5  ? 2.108   4.738   -12.604 0.50 34.02 ? 5   DT  A N1    1 
ATOM   91  C C2    A DT  A 1 5  ? 2.287   5.078   -11.656 0.50 38.02 ? 5   DT  A C2    1 
ATOM   92  C C2    B DT  A 1 5  ? 0.830   4.930   -13.073 0.50 33.08 ? 5   DT  A C2    1 
ATOM   93  O O2    A DT  A 1 5  ? 3.430   4.993   -11.235 0.50 39.67 ? 5   DT  A O2    1 
ATOM   94  O O2    B DT  A 1 5  ? 0.471   4.587   -14.187 0.50 35.92 ? 5   DT  A O2    1 
ATOM   95  N N3    A DT  A 1 5  ? 1.289   5.698   -10.946 0.50 36.32 ? 5   DT  A N3    1 
ATOM   96  N N3    B DT  A 1 5  ? -0.017  5.545   -12.185 0.50 33.10 ? 5   DT  A N3    1 
ATOM   97  C C4    A DT  A 1 5  ? -0.032  5.845   -11.320 0.50 37.43 ? 5   DT  A C4    1 
ATOM   98  C C4    B DT  A 1 5  ? 0.282   5.973   -10.903 0.50 31.43 ? 5   DT  A C4    1 
ATOM   99  O O4    A DT  A 1 5  ? -0.816  6.427   -10.576 0.50 37.74 ? 5   DT  A O4    1 
ATOM   100 O O4    B DT  A 1 5  ? -0.582  6.509   -10.220 0.50 32.43 ? 5   DT  A O4    1 
ATOM   101 C C5    A DT  A 1 5  ? -0.379  5.275   -12.604 0.50 36.00 ? 5   DT  A C5    1 
ATOM   102 C C5    B DT  A 1 5  ? 1.637   5.731   -10.475 0.50 30.80 ? 5   DT  A C5    1 
ATOM   103 C C7    A DT  A 1 5  ? -1.787  5.389   -13.095 0.50 35.43 ? 5   DT  A C7    1 
ATOM   104 C C7    B DT  A 1 5  ? 2.047   6.148   -9.097  0.50 27.79 ? 5   DT  A C7    1 
ATOM   105 C C6    A DT  A 1 5  ? 0.589   4.669   -13.304 0.50 36.42 ? 5   DT  A C6    1 
ATOM   106 C C6    B DT  A 1 5  ? 2.470   5.128   -11.332 0.50 32.46 ? 5   DT  A C6    1 
ATOM   107 P P     . DT  A 1 6  ? 7.111   3.304   -15.755 1.00 45.08 ? 6   DT  A P     1 
ATOM   108 O OP1   . DT  A 1 6  ? 7.119   3.011   -17.219 1.00 50.66 ? 6   DT  A OP1   1 
ATOM   109 O OP2   . DT  A 1 6  ? 7.994   2.510   -14.863 1.00 46.86 ? 6   DT  A OP2   1 
ATOM   110 O "O5'" . DT  A 1 6  ? 7.542   4.821   -15.545 1.00 39.31 ? 6   DT  A "O5'" 1 
ATOM   111 C "C5'" . DT  A 1 6  ? 8.906   5.165   -15.276 1.00 38.63 ? 6   DT  A "C5'" 1 
ATOM   112 C "C4'" . DT  A 1 6  ? 8.994   6.633   -14.928 1.00 39.08 ? 6   DT  A "C4'" 1 
ATOM   113 O "O4'" . DT  A 1 6  ? 8.401   7.436   -15.975 1.00 39.92 ? 6   DT  A "O4'" 1 
ATOM   114 C "C3'" . DT  A 1 6  ? 8.212   7.008   -13.679 1.00 38.42 ? 6   DT  A "C3'" 1 
ATOM   115 O "O3'" . DT  A 1 6  ? 9.000   6.739   -12.526 1.00 41.69 ? 6   DT  A "O3'" 1 
ATOM   116 C "C2'" . DT  A 1 6  ? 7.947   8.481   -13.905 1.00 36.37 ? 6   DT  A "C2'" 1 
ATOM   117 C "C1'" . DT  A 1 6  ? 7.659   8.508   -15.401 1.00 34.70 ? 6   DT  A "C1'" 1 
ATOM   118 N N1    . DT  A 1 6  ? 6.243   8.319   -15.755 1.00 30.70 ? 6   DT  A N1    1 
ATOM   119 C C2    . DT  A 1 6  ? 5.366   9.347   -15.501 1.00 30.11 ? 6   DT  A C2    1 
ATOM   120 O O2    . DT  A 1 6  ? 5.705   10.411  -15.006 1.00 33.02 ? 6   DT  A O2    1 
ATOM   121 N N3    . DT  A 1 6  ? 4.072   9.096   -15.874 1.00 31.13 ? 6   DT  A N3    1 
ATOM   122 C C4    . DT  A 1 6  ? 3.574   7.945   -16.455 1.00 31.25 ? 6   DT  A C4    1 
ATOM   123 O O4    . DT  A 1 6  ? 2.373   7.860   -16.708 1.00 33.76 ? 6   DT  A O4    1 
ATOM   124 C C5    . DT  A 1 6  ? 4.548   6.908   -16.690 1.00 29.34 ? 6   DT  A C5    1 
ATOM   125 C C7    . DT  A 1 6  ? 4.099   5.611   -17.287 1.00 32.98 ? 6   DT  A C7    1 
ATOM   126 C C6    . DT  A 1 6  ? 5.817   7.141   -16.330 1.00 30.42 ? 6   DT  A C6    1 
ATOM   127 P P     . DA  A 1 7  ? 8.298   6.030   -11.260 1.00 39.28 ? 7   DA  A P     1 
ATOM   128 O OP1   . DA  A 1 7  ? 9.462   5.755   -10.393 1.00 40.63 ? 7   DA  A OP1   1 
ATOM   129 O OP2   . DA  A 1 7  ? 7.337   4.952   -11.591 1.00 37.04 ? 7   DA  A OP2   1 
ATOM   130 O "O5'" . DA  A 1 7  ? 7.387   7.214   -10.698 1.00 35.58 ? 7   DA  A "O5'" 1 
ATOM   131 C "C5'" . DA  A 1 7  ? 7.944   8.481   -10.284 1.00 32.44 ? 7   DA  A "C5'" 1 
ATOM   132 C "C4'" . DA  A 1 7  ? 6.877   9.295   -9.592  1.00 29.19 ? 7   DA  A "C4'" 1 
ATOM   133 O "O4'" . DA  A 1 7  ? 5.856   9.664   -10.542 1.00 30.39 ? 7   DA  A "O4'" 1 
ATOM   134 C "C3'" . DA  A 1 7  ? 6.147   8.561   -8.469  1.00 29.47 ? 7   DA  A "C3'" 1 
ATOM   135 O "O3'" . DA  A 1 7  ? 5.706   9.522   -7.516  1.00 30.48 ? 7   DA  A "O3'" 1 
ATOM   136 C "C2'" . DA  A 1 7  ? 4.863   8.100   -9.118  1.00 28.17 ? 7   DA  A "C2'" 1 
ATOM   137 C "C1'" . DA  A 1 7  ? 4.584   9.219   -10.107 1.00 29.60 ? 7   DA  A "C1'" 1 
ATOM   138 N N9    . DA  A 1 7  ? 3.846   8.783   -11.282 1.00 28.21 ? 7   DA  A N9    1 
ATOM   139 C C8    . DA  A 1 7  ? 4.360   8.131   -12.376 1.00 30.05 ? 7   DA  A C8    1 
ATOM   140 N N7    . DA  A 1 7  ? 3.463   7.843   -13.288 1.00 30.54 ? 7   DA  A N7    1 
ATOM   141 C C5    . DA  A 1 7  ? 2.283   8.353   -12.767 1.00 29.27 ? 7   DA  A C5    1 
ATOM   142 C C6    . DA  A 1 7  ? 0.972   8.379   -13.259 1.00 30.89 ? 7   DA  A C6    1 
ATOM   143 N N6    . DA  A 1 7  ? 0.613   7.860   -14.435 1.00 35.27 ? 7   DA  A N6    1 
ATOM   144 N N1    . DA  A 1 7  ? 0.025   8.955   -12.488 1.00 32.82 ? 7   DA  A N1    1 
ATOM   145 C C2    . DA  A 1 7  ? 0.386   9.473   -11.308 1.00 31.49 ? 7   DA  A C2    1 
ATOM   146 N N3    . DA  A 1 7  ? 1.589   9.525   -10.745 1.00 31.77 ? 7   DA  A N3    1 
ATOM   147 C C4    . DA  A 1 7  ? 2.505   8.940   -11.534 1.00 29.17 ? 7   DA  A C4    1 
ATOM   148 P P     . DG  A 1 8  ? 6.685   9.883   -6.343  1.00 33.52 ? 8   DG  A P     1 
ATOM   149 O OP1   . DG  A 1 8  ? 6.097   11.136  -5.793  1.00 33.34 ? 8   DG  A OP1   1 
ATOM   150 O OP2   . DG  A 1 8  ? 8.136   9.788   -6.636  1.00 35.56 ? 8   DG  A OP2   1 
ATOM   151 O "O5'" . DG  A 1 8  ? 6.485   8.635   -5.378  1.00 30.12 ? 8   DG  A "O5'" 1 
ATOM   152 C "C5'" . DG  A 1 8  ? 5.320   8.481   -4.581  1.00 25.31 ? 8   DG  A "C5'" 1 
ATOM   153 C "C4'" . DG  A 1 8  ? 5.681   7.689   -3.346  1.00 22.33 ? 8   DG  A "C4'" 1 
ATOM   154 O "O4'" . DG  A 1 8  ? 4.492   7.578   -2.539  1.00 20.51 ? 8   DG  A "O4'" 1 
ATOM   155 C "C3'" . DG  A 1 8  ? 6.158   6.253   -3.611  1.00 23.50 ? 8   DG  A "C3'" 1 
ATOM   156 O "O3'" . DG  A 1 8  ? 7.353   5.984   -2.865  1.00 26.48 ? 8   DG  A "O3'" 1 
ATOM   157 C "C2'" . DG  A 1 8  ? 4.995   5.385   -3.153  1.00 21.99 ? 8   DG  A "C2'" 1 
ATOM   158 C "C1'" . DG  A 1 8  ? 4.380   6.252   -2.069  1.00 20.96 ? 8   DG  A "C1'" 1 
ATOM   159 N N9    . DG  A 1 8  ? 2.972   6.002   -1.809  1.00 19.24 ? 8   DG  A N9    1 
ATOM   160 C C8    . DG  A 1 8  ? 1.918   6.211   -2.665  1.00 18.45 ? 8   DG  A C8    1 
ATOM   161 N N7    . DG  A 1 8  ? 0.765   5.909   -2.138  1.00 17.99 ? 8   DG  A N7    1 
ATOM   162 C C5    . DG  A 1 8  ? 1.077   5.484   -0.855  1.00 17.74 ? 8   DG  A C5    1 
ATOM   163 C C6    . DG  A 1 8  ? 0.234   5.046   0.192   1.00 17.56 ? 8   DG  A C6    1 
ATOM   164 O O6    . DG  A 1 8  ? -0.991  4.920   0.186   1.00 18.72 ? 8   DG  A O6    1 
ATOM   165 N N1    . DG  A 1 8  ? 0.962   4.685   1.321   1.00 16.61 ? 8   DG  A N1    1 
ATOM   166 C C2    . DG  A 1 8  ? 2.326   4.794   1.448   1.00 18.88 ? 8   DG  A C2    1 
ATOM   167 N N2    . DG  A 1 8  ? 2.846   4.405   2.619   1.00 17.06 ? 8   DG  A N2    1 
ATOM   168 N N3    . DG  A 1 8  ? 3.122   5.230   0.485   1.00 18.13 ? 8   DG  A N3    1 
ATOM   169 C C4    . DG  A 1 8  ? 2.434   5.545   -0.634  1.00 17.79 ? 8   DG  A C4    1 
ATOM   170 P P     . DG  A 1 9  ? 8.155   4.612   -2.904  1.00 30.99 ? 9   DG  A P     1 
ATOM   171 O OP1   . DG  A 1 9  ? 9.558   4.916   -2.590  1.00 31.41 ? 9   DG  A OP1   1 
ATOM   172 O OP2   . DG  A 1 9  ? 7.803   3.832   -4.119  1.00 30.43 ? 9   DG  A OP2   1 
ATOM   173 O "O5'" . DG  A 1 9  ? 7.571   3.774   -1.690  1.00 29.63 ? 9   DG  A "O5'" 1 
ATOM   174 C "C5'" . DG  A 1 9  ? 7.777   4.202   -0.342  1.00 27.90 ? 9   DG  A "C5'" 1 
ATOM   175 C "C4'" . DG  A 1 9  ? 7.626   3.034   0.603   1.00 27.82 ? 9   DG  A "C4'" 1 
ATOM   176 O "O4'" . DG  A 1 9  ? 6.234   2.892   0.965   1.00 28.39 ? 9   DG  A "O4'" 1 
ATOM   177 C "C3'" . DG  A 1 9  ? 8.071   1.674   0.065   1.00 28.79 ? 9   DG  A "C3'" 1 
ATOM   178 O "O3'" . DG  A 1 9  ? 8.804   1.022   1.114   1.00 30.91 ? 9   DG  A "O3'" 1 
ATOM   179 C "C2'" . DG  A 1 9  ? 6.763   0.983   -0.306  1.00 27.33 ? 9   DG  A "C2'" 1 
ATOM   180 C "C1'" . DG  A 1 9  ? 5.783   1.562   0.701   1.00 25.81 ? 9   DG  A "C1'" 1 
ATOM   181 N N9    . DG  A 1 9  ? 4.400   1.657   0.242   1.00 22.02 ? 9   DG  A N9    1 
ATOM   182 C C8    . DG  A 1 9  ? 3.955   2.139   -0.967  1.00 19.47 ? 9   DG  A C8    1 
ATOM   183 N N7    . DG  A 1 9  ? 2.654   2.160   -1.060  1.00 18.70 ? 9   DG  A N7    1 
ATOM   184 C C5    . DG  A 1 9  ? 2.213   1.664   0.161   1.00 18.67 ? 9   DG  A C5    1 
ATOM   185 C C6    . DG  A 1 9  ? 0.897   1.423   0.635   1.00 19.32 ? 9   DG  A C6    1 
ATOM   186 O O6    . DG  A 1 9  ? -0.178  1.644   0.069   1.00 20.36 ? 9   DG  A O6    1 
ATOM   187 N N1    . DG  A 1 9  ? 0.904   0.924   1.933   1.00 20.65 ? 9   DG  A N1    1 
ATOM   188 C C2    . DG  A 1 9  ? 2.033   0.653   2.669   1.00 20.59 ? 9   DG  A C2    1 
ATOM   189 N N2    . DG  A 1 9  ? 1.838   0.115   3.884   1.00 21.79 ? 9   DG  A N2    1 
ATOM   190 N N3    . DG  A 1 9  ? 3.262   0.846   2.228   1.00 20.88 ? 9   DG  A N3    1 
ATOM   191 C C4    . DG  A 1 9  ? 3.278   1.353   0.976   1.00 19.85 ? 9   DG  A C4    1 
ATOM   192 P P     . DG  A 1 10 ? 9.412   -0.441  1.007   1.00 32.89 ? 10  DG  A P     1 
ATOM   193 O OP1   . DG  A 1 10 ? 10.645  -0.455  1.822   1.00 38.82 ? 10  DG  A OP1   1 
ATOM   194 O OP2   . DG  A 1 10 ? 9.476   -0.841  -0.412  1.00 32.17 ? 10  DG  A OP2   1 
ATOM   195 O "O5'" . DG  A 1 10 ? 8.404   -1.394  1.782   1.00 30.29 ? 10  DG  A "O5'" 1 
ATOM   196 C "C5'" . DG  A 1 10 ? 8.112   -1.233  3.167   1.00 27.07 ? 10  DG  A "C5'" 1 
ATOM   197 C "C4'" . DG  A 1 10 ? 7.168   -2.334  3.581   1.00 28.87 ? 10  DG  A "C4'" 1 
ATOM   198 O "O4'" . DG  A 1 10 ? 5.820   -2.012  3.161   1.00 28.43 ? 10  DG  A "O4'" 1 
ATOM   199 C "C3'" . DG  A 1 10 ? 7.477   -3.708  2.970   1.00 30.73 ? 10  DG  A "C3'" 1 
ATOM   200 O "O3'" . DG  A 1 10 ? 7.290   -4.670  4.004   1.00 34.30 ? 10  DG  A "O3'" 1 
ATOM   201 C "C2'" . DG  A 1 10 ? 6.380   -3.910  1.938   1.00 26.26 ? 10  DG  A "C2'" 1 
ATOM   202 C "C1'" . DG  A 1 10 ? 5.235   -3.163  2.565   1.00 26.14 ? 10  DG  A "C1'" 1 
ATOM   203 N N9    . DG  A 1 10 ? 4.201   -2.709  1.646   1.00 22.88 ? 10  DG  A N9    1 
ATOM   204 C C8    . DG  A 1 10 ? 4.369   -2.104  0.426   1.00 22.10 ? 10  DG  A C8    1 
ATOM   205 N N7    . DG  A 1 10 ? 3.242   -1.769  -0.139  1.00 21.64 ? 10  DG  A N7    1 
ATOM   206 C C5    . DG  A 1 10 ? 2.273   -2.190  0.759   1.00 21.78 ? 10  DG  A C5    1 
ATOM   207 C C6    . DG  A 1 10 ? 0.863   -2.119  0.686   1.00 21.79 ? 10  DG  A C6    1 
ATOM   208 O O6    . DG  A 1 10 ? 0.159   -1.624  -0.201  1.00 24.67 ? 10  DG  A O6    1 
ATOM   209 N N1    . DG  A 1 10 ? 0.265   -2.649  1.823   1.00 22.62 ? 10  DG  A N1    1 
ATOM   210 C C2    . DG  A 1 10 ? 0.934   -3.210  2.878   1.00 23.36 ? 10  DG  A C2    1 
ATOM   211 N N2    . DG  A 1 10 ? 0.175   -3.684  3.876   1.00 23.03 ? 10  DG  A N2    1 
ATOM   212 N N3    . DG  A 1 10 ? 2.250   -3.289  2.956   1.00 23.52 ? 10  DG  A N3    1 
ATOM   213 C C4    . DG  A 1 10 ? 2.851   -2.757  1.873   1.00 22.15 ? 10  DG  A C4    1 
ATOM   214 P P     . DT  A 1 11 ? 8.138   -5.998  4.109   1.00 39.48 ? 11  DT  A P     1 
ATOM   215 O OP1   . DT  A 1 11 ? 8.208   -6.664  2.797   1.00 35.43 ? 11  DT  A OP1   1 
ATOM   216 O OP2   . DT  A 1 11 ? 7.526   -6.650  5.298   1.00 35.29 ? 11  DT  A OP2   1 
ATOM   217 O "O5'" . DT  A 1 11 ? 9.625   -5.491  4.365   1.00 40.29 ? 11  DT  A "O5'" 1 
ATOM   218 C "C5'" . DT  A 1 11 ? 10.048  -5.016  5.654   1.00 46.23 ? 11  DT  A "C5'" 1 
ATOM   219 C "C4'" . DT  A 1 11 ? 11.503  -5.370  5.857   1.00 49.13 ? 11  DT  A "C4'" 1 
ATOM   220 O "O4'" . DT  A 1 11 ? 11.610  -6.766  6.229   1.00 52.88 ? 11  DT  A "O4'" 1 
ATOM   221 C "C3'" . DT  A 1 11 ? 12.391  -5.197  4.615   1.00 51.35 ? 11  DT  A "C3'" 1 
ATOM   222 O "O3'" . DT  A 1 11 ? 13.658  -4.620  4.991   1.00 53.74 ? 11  DT  A "O3'" 1 
ATOM   223 C "C2'" . DT  A 1 11 ? 12.598  -6.626  4.132   1.00 50.28 ? 11  DT  A "C2'" 1 
ATOM   224 C "C1'" . DT  A 1 11 ? 12.671  -7.323  5.475   1.00 56.10 ? 11  DT  A "C1'" 1 
ATOM   225 N N1    . DT  A 1 11 ? 12.578  -8.799  5.543   0.50 57.73 ? 11  DT  A N1    1 
ATOM   226 C C2    . DT  A 1 11 ? 11.672  -9.481  4.762   0.50 58.30 ? 11  DT  A C2    1 
ATOM   227 O O2    . DT  A 1 11 ? 10.910  -8.932  3.984   0.50 58.79 ? 11  DT  A O2    1 
ATOM   228 N N3    . DT  A 1 11 ? 11.692  -10.844 4.926   0.50 59.92 ? 11  DT  A N3    1 
ATOM   229 C C4    . DT  A 1 11 ? 12.507  -11.573 5.772   0.50 62.01 ? 11  DT  A C4    1 
ATOM   230 O O4    . DT  A 1 11 ? 12.412  -12.797 5.810   0.50 66.51 ? 11  DT  A O4    1 
ATOM   231 C C5    . DT  A 1 11 ? 13.431  -10.792 6.561   0.50 61.35 ? 11  DT  A C5    1 
ATOM   232 C C7    . DT  A 1 11 ? 14.354  -11.494 7.506   0.50 60.40 ? 11  DT  A C7    1 
ATOM   233 C C6    . DT  A 1 11 ? 13.419  -9.464  6.408   0.50 58.67 ? 11  DT  A C6    1 
ATOM   234 P P     . DT  A 1 12 ? 14.068  -3.047  5.012   1.00 52.63 ? 12  DT  A P     1 
ATOM   235 O OP1   . DT  A 1 12 ? 12.891  -2.171  4.781   1.00 55.86 ? 12  DT  A OP1   1 
ATOM   236 O OP2   . DT  A 1 12 ? 15.290  -2.879  4.186   1.00 50.12 ? 12  DT  A OP2   1 
ATOM   237 O "O5'" . DT  A 1 12 ? 14.449  -2.806  6.532   1.00 49.63 ? 12  DT  A "O5'" 1 
ATOM   238 C "C5'" . DT  A 1 12 ? 13.703  -3.438  7.566   1.00 46.73 ? 12  DT  A "C5'" 1 
ATOM   239 C "C4'" . DT  A 1 12 ? 13.697  -2.552  8.783   1.00 48.13 ? 12  DT  A "C4'" 1 
ATOM   240 O "O4'" . DT  A 1 12 ? 14.749  -1.563  8.683   1.00 45.14 ? 12  DT  A "O4'" 1 
ATOM   241 C "C3'" . DT  A 1 12 ? 12.401  -1.773  8.981   1.00 46.23 ? 12  DT  A "C3'" 1 
ATOM   242 O "O3'" . DT  A 1 12 ? 12.136  -1.772  10.377  1.00 53.11 ? 12  DT  A "O3'" 1 
ATOM   243 C "C2'" . DT  A 1 12 ? 12.748  -0.373  8.515   1.00 47.43 ? 12  DT  A "C2'" 1 
ATOM   244 C "C1'" . DT  A 1 12 ? 14.209  -0.268  8.896   1.00 42.47 ? 12  DT  A "C1'" 1 
ATOM   245 N N1    . DT  A 1 12 ? 14.979  0.672   8.081   1.00 39.44 ? 12  DT  A N1    1 
ATOM   246 C C2    . DT  A 1 12 ? 15.610  1.722   8.709   1.00 38.29 ? 12  DT  A C2    1 
ATOM   247 O O2    . DT  A 1 12 ? 15.532  1.926   9.910   1.00 40.55 ? 12  DT  A O2    1 
ATOM   248 N N3    . DT  A 1 12 ? 16.321  2.542   7.872   1.00 36.02 ? 12  DT  A N3    1 
ATOM   249 C C4    . DT  A 1 12 ? 16.472  2.412   6.507   1.00 35.38 ? 12  DT  A C4    1 
ATOM   250 O O4    . DT  A 1 12 ? 17.150  3.223   5.887   1.00 36.47 ? 12  DT  A O4    1 
ATOM   251 C C5    . DT  A 1 12 ? 15.788  1.286   5.915   1.00 37.55 ? 12  DT  A C5    1 
ATOM   252 C C7    . DT  A 1 12 ? 15.902  1.061   4.441   1.00 41.71 ? 12  DT  A C7    1 
ATOM   253 C C6    . DT  A 1 12 ? 15.085  0.484   6.721   1.00 37.15 ? 12  DT  A C6    1 
ATOM   254 P P     . DA  A 1 13 ? 10.997  -2.764  10.792  1.00 54.19 ? 13  DA  A P     1 
ATOM   255 O OP1   . DA  A 1 13 ? 11.136  -3.227  12.189  1.00 52.98 ? 13  DA  A OP1   1 
ATOM   256 O OP2   . DA  A 1 13 ? 10.808  -3.745  9.694   1.00 58.79 ? 13  DA  A OP2   1 
ATOM   257 O "O5'" . DA  A 1 13 ? 9.784   -1.738  10.748  1.00 54.73 ? 13  DA  A "O5'" 1 
ATOM   258 C "C5'" . DA  A 1 13 ? 9.380   -1.070  11.943  1.00 53.11 ? 13  DA  A "C5'" 1 
ATOM   259 C "C4'" . DA  A 1 13 ? 9.219   0.408   11.679  1.00 47.97 ? 13  DA  A "C4'" 1 
ATOM   260 O "O4'" . DA  A 1 13 ? 10.406  0.982   11.089  1.00 44.43 ? 13  DA  A "O4'" 1 
ATOM   261 C "C3'" . DA  A 1 13 ? 8.063   0.786   10.744  1.00 48.99 ? 13  DA  A "C3'" 1 
ATOM   262 O "O3'" . DA  A 1 13 ? 7.094   1.499   11.513  1.00 49.61 ? 13  DA  A "O3'" 1 
ATOM   263 C "C2'" . DA  A 1 13 ? 8.695   1.742   9.744   1.00 44.39 ? 13  DA  A "C2'" 1 
ATOM   264 C "C1'" . DA  A 1 13 ? 9.939   2.170   10.499  1.00 42.86 ? 13  DA  A "C1'" 1 
ATOM   265 N N9    . DA  A 1 13 ? 10.998  2.759   9.682   1.00 40.72 ? 13  DA  A N9    1 
ATOM   266 C C8    . DA  A 1 13 ? 11.187  2.605   8.331   1.00 38.99 ? 13  DA  A C8    1 
ATOM   267 N N7    . DA  A 1 13 ? 12.160  3.339   7.848   1.00 38.13 ? 13  DA  A N7    1 
ATOM   268 C C5    . DA  A 1 13 ? 12.608  4.062   8.945   1.00 34.75 ? 13  DA  A C5    1 
ATOM   269 C C6    . DA  A 1 13 ? 13.619  5.029   9.088   1.00 31.66 ? 13  DA  A C6    1 
ATOM   270 N N6    . DA  A 1 13 ? 14.381  5.458   8.080   1.00 29.65 ? 13  DA  A N6    1 
ATOM   271 N N1    . DA  A 1 13 ? 13.805  5.564   10.314  1.00 32.48 ? 13  DA  A N1    1 
ATOM   272 C C2    . DA  A 1 13 ? 13.037  5.133   11.325  1.00 33.25 ? 13  DA  A C2    1 
ATOM   273 N N3    . DA  A 1 13 ? 12.055  4.231   11.314  1.00 36.30 ? 13  DA  A N3    1 
ATOM   274 C C4    . DA  A 1 13 ? 11.893  3.724   10.079  1.00 36.31 ? 13  DA  A C4    1 
ATOM   275 P P     . DG  A 1 14 ? 5.672   0.848   11.798  1.00 53.09 ? 14  DG  A P     1 
ATOM   276 O OP1   . DG  A 1 14 ? 4.867   1.851   12.546  1.00 52.24 ? 14  DG  A OP1   1 
ATOM   277 O OP2   . DG  A 1 14 ? 5.775   -0.548  12.305  1.00 52.30 ? 14  DG  A OP2   1 
ATOM   278 O "O5'" . DG  A 1 14 ? 5.264   0.835   10.258  1.00 52.02 ? 14  DG  A "O5'" 1 
ATOM   279 C "C5'" . DG  A 1 14 ? 4.461   1.891   9.719   1.00 41.66 ? 14  DG  A "C5'" 1 
ATOM   280 C "C4'" . DG  A 1 14 ? 3.031   1.416   9.663   1.00 39.02 ? 14  DG  A "C4'" 1 
ATOM   281 O "O4'" . DG  A 1 14 ? 2.287   2.305   8.809   1.00 35.92 ? 14  DG  A "O4'" 1 
ATOM   282 C "C3'" . DG  A 1 14 ? 2.885   0.014   9.062   1.00 40.50 ? 14  DG  A "C3'" 1 
ATOM   283 O "O3'" . DG  A 1 14 ? 2.214   -0.882  9.954   1.00 50.23 ? 14  DG  A "O3'" 1 
ATOM   284 C "C2'" . DG  A 1 14 ? 2.065   0.226   7.809   1.00 34.64 ? 14  DG  A "C2'" 1 
ATOM   285 C "C1'" . DG  A 1 14 ? 1.373   1.535   8.075   1.00 31.11 ? 14  DG  A "C1'" 1 
ATOM   286 N N9    . DG  A 1 14 ? 1.089   2.230   6.829   1.00 27.28 ? 14  DG  A N9    1 
ATOM   287 C C8    . DG  A 1 14 ? 1.982   2.681   5.886   1.00 24.34 ? 14  DG  A C8    1 
ATOM   288 N N7    . DG  A 1 14 ? 1.398   3.200   4.841   1.00 22.47 ? 14  DG  A N7    1 
ATOM   289 C C5    . DG  A 1 14 ? 0.043   3.044   5.092   1.00 22.97 ? 14  DG  A C5    1 
ATOM   290 C C6    . DG  A 1 14 ? -1.077  3.387   4.308   1.00 22.03 ? 14  DG  A C6    1 
ATOM   291 O O6    . DG  A 1 14 ? -1.100  3.934   3.203   1.00 22.87 ? 14  DG  A O6    1 
ATOM   292 N N1    . DG  A 1 14 ? -2.270  3.068   4.949   1.00 23.49 ? 14  DG  A N1    1 
ATOM   293 C C2    . DG  A 1 14 ? -2.369  2.483   6.189   1.00 23.86 ? 14  DG  A C2    1 
ATOM   294 N N2    . DG  A 1 14 ? -3.615  2.232   6.639   1.00 21.54 ? 14  DG  A N2    1 
ATOM   295 N N3    . DG  A 1 14 ? -1.328  2.135   6.918   1.00 24.14 ? 14  DG  A N3    1 
ATOM   296 C C4    . DG  A 1 14 ? -0.162  2.427   6.306   1.00 24.71 ? 14  DG  A C4    1 
ATOM   297 P P     . DG  A 1 15 ? 2.154   -2.475  9.681   1.00 55.94 ? 15  DG  A P     1 
ATOM   298 O OP1   . DG  A 1 15 ? 3.044   -3.169  10.642  1.00 55.17 ? 15  DG  A OP1   1 
ATOM   299 O OP2   . DG  A 1 15 ? 2.169   -2.888  8.239   1.00 45.11 ? 15  DG  A OP2   1 
ATOM   300 O "O5'" . DG  A 1 15 ? 0.659   -2.587  10.201  1.00 51.70 ? 15  DG  A "O5'" 1 
ATOM   301 C "C5'" . DG  A 1 15 ? -0.143  -3.617  9.662   1.00 44.14 ? 15  DG  A "C5'" 1 
ATOM   302 C "C4'" . DG  A 1 15 ? -1.586  -3.198  9.553   1.00 40.98 ? 15  DG  A "C4'" 1 
ATOM   303 O "O4'" . DG  A 1 15 ? -1.738  -1.888  8.971   1.00 39.68 ? 15  DG  A "O4'" 1 
ATOM   304 C "C3'" . DG  A 1 15 ? -2.311  -4.137  8.610   1.00 42.57 ? 15  DG  A "C3'" 1 
ATOM   305 O "O3'" . DG  A 1 15 ? -2.719  -5.232  9.420   1.00 43.54 ? 15  DG  A "O3'" 1 
ATOM   306 C "C2'" . DG  A 1 15 ? -3.418  -3.283  8.030   1.00 37.67 ? 15  DG  A "C2'" 1 
ATOM   307 C "C1'" . DG  A 1 15 ? -2.794  -1.900  8.012   1.00 34.01 ? 15  DG  A "C1'" 1 
ATOM   308 N N9    . DG  A 1 15 ? -2.248  -1.436  6.738   1.00 30.56 ? 15  DG  A N9    1 
ATOM   309 C C8    . DG  A 1 15 ? -0.928  -1.198  6.447   1.00 26.55 ? 15  DG  A C8    1 
ATOM   310 N N7    . DG  A 1 15 ? -0.749  -0.682  5.262   1.00 26.05 ? 15  DG  A N7    1 
ATOM   311 C C5    . DG  A 1 15 ? -2.030  -0.564  4.745   1.00 25.69 ? 15  DG  A C5    1 
ATOM   312 C C6    . DG  A 1 15 ? -2.469  -0.059  3.499   1.00 25.55 ? 15  DG  A C6    1 
ATOM   313 O O6    . DG  A 1 15 ? -1.790  0.397   2.571   1.00 25.30 ? 15  DG  A O6    1 
ATOM   314 N N1    . DG  A 1 15 ? -3.853  -0.120  3.381   1.00 24.57 ? 15  DG  A N1    1 
ATOM   315 C C2    . DG  A 1 15 ? -4.705  -0.612  4.337   1.00 25.26 ? 15  DG  A C2    1 
ATOM   316 N N2    . DG  A 1 15 ? -6.008  -0.593  4.036   1.00 26.15 ? 15  DG  A N2    1 
ATOM   317 N N3    . DG  A 1 15 ? -4.308  -1.067  5.513   1.00 28.11 ? 15  DG  A N3    1 
ATOM   318 C C4    . DG  A 1 15 ? -2.966  -1.017  5.646   1.00 25.46 ? 15  DG  A C4    1 
ATOM   319 P P     . DG  A 1 16 ? -2.305  -6.587  8.730   1.00 46.79 ? 16  DG  A P     1 
ATOM   320 O OP1   . DG  A 1 16 ? -2.233  -7.589  9.827   1.00 50.58 ? 16  DG  A OP1   1 
ATOM   321 O OP2   . DG  A 1 16 ? -1.186  -6.434  7.752   1.00 45.05 ? 16  DG  A OP2   1 
ATOM   322 O "O5'" . DG  A 1 16 ? -3.656  -6.746  7.912   1.00 46.98 ? 16  DG  A "O5'" 1 
ATOM   323 C "C5'" . DG  A 1 16 ? -4.916  -6.503  8.556   1.00 46.26 ? 16  DG  A "C5'" 1 
ATOM   324 C "C4'" . DG  A 1 16 ? -5.999  -6.493  7.510   1.00 43.92 ? 16  DG  A "C4'" 1 
ATOM   325 O "O4'" . DG  A 1 16 ? -5.734  -5.406  6.598   1.00 42.10 ? 16  DG  A "O4'" 1 
ATOM   326 C "C3'" . DG  A 1 16 ? -6.015  -7.757  6.658   1.00 47.60 ? 16  DG  A "C3'" 1 
ATOM   327 O "O3'" . DG  A 1 16 ? -7.362  -8.086  6.316   1.00 56.89 ? 16  DG  A "O3'" 1 
ATOM   328 C "C2'" . DG  A 1 16 ? -5.218  -7.361  5.429   1.00 44.10 ? 16  DG  A "C2'" 1 
ATOM   329 C "C1'" . DG  A 1 16 ? -5.600  -5.906  5.281   1.00 38.45 ? 16  DG  A "C1'" 1 
ATOM   330 N N9    . DG  A 1 16 ? -4.620  -5.085  4.576   1.00 34.91 ? 16  DG  A N9    1 
ATOM   331 C C8    . DG  A 1 16 ? -3.280  -4.938  4.853   1.00 31.89 ? 16  DG  A C8    1 
ATOM   332 N N7    . DG  A 1 16 ? -2.666  -4.155  4.008   1.00 29.47 ? 16  DG  A N7    1 
ATOM   333 C C5    . DG  A 1 16 ? -3.654  -3.779  3.108   1.00 29.65 ? 16  DG  A C5    1 
ATOM   334 C C6    . DG  A 1 16 ? -3.588  -2.938  1.970   1.00 27.39 ? 16  DG  A C6    1 
ATOM   335 O O6    . DG  A 1 16 ? -2.609  -2.346  1.506   1.00 24.92 ? 16  DG  A O6    1 
ATOM   336 N N1    . DG  A 1 16 ? -4.822  -2.834  1.337   1.00 28.39 ? 16  DG  A N1    1 
ATOM   337 C C2    . DG  A 1 16 ? -5.973  -3.468  1.740   1.00 30.61 ? 16  DG  A C2    1 
ATOM   338 N N2    . DG  A 1 16 ? -7.065  -3.252  0.993   1.00 30.02 ? 16  DG  A N2    1 
ATOM   339 N N3    . DG  A 1 16 ? -6.052  -4.239  2.810   1.00 31.90 ? 16  DG  A N3    1 
ATOM   340 C C4    . DG  A 1 16 ? -4.865  -4.346  3.445   1.00 30.97 ? 16  DG  A C4    1 
ATOM   341 P P     . DT  A 1 17 ? -7.835  -9.609  6.396   1.00 60.96 ? 17  DT  A P     1 
ATOM   342 O OP1   . DT  A 1 17 ? -6.734  -10.495 5.924   1.00 56.74 ? 17  DT  A OP1   1 
ATOM   343 O OP2   . DT  A 1 17 ? -9.162  -9.677  5.734   1.00 60.26 ? 17  DT  A OP2   1 
ATOM   344 O "O5'" . DT  A 1 17 ? -8.031  -9.710  7.974   1.00 67.11 ? 17  DT  A "O5'" 1 
ATOM   345 C "C5'" . DT  A 1 17 ? -9.166  -9.078  8.593   1.00 76.23 ? 17  DT  A "C5'" 1 
ATOM   346 C "C4'" . DT  A 1 17 ? -8.983  -8.981  10.090  1.00 84.37 ? 17  DT  A "C4'" 1 
ATOM   347 O "O4'" . DT  A 1 17 ? -7.770  -8.258  10.397  1.00 87.21 ? 17  DT  A "O4'" 1 
ATOM   348 C "C3'" . DT  A 1 17 ? -10.109 -8.233  10.806  1.00 83.30 ? 17  DT  A "C3'" 1 
ATOM   349 O "O3'" . DT  A 1 17 ? -10.958 -9.159  11.493  1.00 80.48 ? 17  DT  A "O3'" 1 
ATOM   350 C "C2'" . DT  A 1 17 ? -9.397  -7.305  11.781  1.00 86.52 ? 17  DT  A "C2'" 1 
ATOM   351 C "C1'" . DT  A 1 17 ? -7.928  -7.690  11.681  1.00 89.17 ? 17  DT  A "C1'" 1 
ATOM   352 N N1    . DT  A 1 17 ? -6.989  -6.557  11.803  1.00 90.15 ? 17  DT  A N1    1 
ATOM   353 C C2    . DT  A 1 17 ? -6.015  -6.621  12.774  1.00 91.40 ? 17  DT  A C2    1 
ATOM   354 O O2    . DT  A 1 17 ? -5.881  -7.576  13.524  1.00 95.90 ? 17  DT  A O2    1 
ATOM   355 N N3    . DT  A 1 17 ? -5.193  -5.522  12.834  1.00 94.76 ? 17  DT  A N3    1 
ATOM   356 C C4    . DT  A 1 17 ? -5.253  -4.389  12.043  1.00 93.88 ? 17  DT  A C4    1 
ATOM   357 O O4    . DT  A 1 17 ? -4.445  -3.480  12.215  1.00 92.16 ? 17  DT  A O4    1 
ATOM   358 C C5    . DT  A 1 17 ? -6.305  -4.387  11.049  1.00 95.84 ? 17  DT  A C5    1 
ATOM   359 C C7    . DT  A 1 17 ? -6.445  -3.206  10.141  1.00 95.33 ? 17  DT  A C7    1 
ATOM   360 C C6    . DT  A 1 17 ? -7.113  -5.454  10.985  1.00 94.85 ? 17  DT  A C6    1 
ATOM   361 P P     . DT  A 1 18 ? -12.291 -9.738  10.821  0.50 77.99 ? 18  DT  A P     1 
ATOM   362 O OP1   . DT  A 1 18 ? -12.300 -11.207 11.029  0.50 80.67 ? 18  DT  A OP1   1 
ATOM   363 O OP2   . DT  A 1 18 ? -12.458 -9.196  9.446   0.50 77.12 ? 18  DT  A OP2   1 
ATOM   364 O "O5'" . DT  A 1 18 ? -13.408 -9.098  11.760  0.50 77.02 ? 18  DT  A "O5'" 1 
ATOM   365 C "C5'" . DT  A 1 18 ? -13.850 -7.743  11.566  0.50 74.74 ? 18  DT  A "C5'" 1 
ATOM   366 C "C4'" . DT  A 1 18 ? -13.630 -6.931  12.821  0.50 73.93 ? 18  DT  A "C4'" 1 
ATOM   367 O "O4'" . DT  A 1 18 ? -13.096 -7.765  13.871  0.50 72.82 ? 18  DT  A "O4'" 1 
ATOM   368 C "C3'" . DT  A 1 18 ? -12.622 -5.798  12.680  0.50 74.03 ? 18  DT  A "C3'" 1 
ATOM   369 O "O3'" . DT  A 1 18 ? -13.259 -4.631  12.148  0.50 72.95 ? 18  DT  A "O3'" 1 
ATOM   370 C "C2'" . DT  A 1 18 ? -12.151 -5.592  14.109  0.50 72.45 ? 18  DT  A "C2'" 1 
ATOM   371 C "C1'" . DT  A 1 18 ? -12.319 -6.968  14.763  0.50 71.67 ? 18  DT  A "C1'" 1 
ATOM   372 N N1    . DT  A 1 18 ? -11.053 -7.681  15.023  0.50 70.41 ? 18  DT  A N1    1 
ATOM   373 C C2    . DT  A 1 18 ? -10.170 -7.143  15.932  0.50 68.86 ? 18  DT  A C2    1 
ATOM   374 O O2    . DT  A 1 18 ? -10.382 -6.101  16.532  0.50 66.59 ? 18  DT  A O2    1 
ATOM   375 N N3    . DT  A 1 18 ? -9.020  -7.870  16.112  0.50 69.80 ? 18  DT  A N3    1 
ATOM   376 C C4    . DT  A 1 18 ? -8.676  -9.058  15.492  0.50 71.32 ? 18  DT  A C4    1 
ATOM   377 O O4    . DT  A 1 18 ? -7.607  -9.601  15.758  0.50 73.08 ? 18  DT  A O4    1 
ATOM   378 C C5    . DT  A 1 18 ? -9.649  -9.566  14.553  0.50 70.68 ? 18  DT  A C5    1 
ATOM   379 C C7    . DT  A 1 18 ? -9.364  -10.846 13.834  0.50 70.01 ? 18  DT  A C7    1 
ATOM   380 C C6    . DT  A 1 18 ? -10.777 -8.865  14.374  0.50 71.17 ? 18  DT  A C6    1 
ATOM   381 P P     . DA  A 1 19 ? -13.041 -4.194  10.621  0.50 71.09 ? 19  DA  A P     1 
ATOM   382 O OP1   . DA  A 1 19 ? -14.330 -3.647  10.126  0.50 69.41 ? 19  DA  A OP1   1 
ATOM   383 O OP2   . DA  A 1 19 ? -12.393 -5.313  9.894   0.50 69.36 ? 19  DA  A OP2   1 
ATOM   384 O "O5'" . DA  A 1 19 ? -12.011 -2.984  10.746  0.50 70.81 ? 19  DA  A "O5'" 1 
ATOM   385 C "C5'" . DA  A 1 19 ? -12.360 -1.805  11.496  0.50 69.70 ? 19  DA  A "C5'" 1 
ATOM   386 C "C4'" . DA  A 1 19 ? -11.138 -0.960  11.773  0.50 69.64 ? 19  DA  A "C4'" 1 
ATOM   387 O "O4'" . DA  A 1 19 ? -10.615 -1.242  13.096  0.50 72.51 ? 19  DA  A "O4'" 1 
ATOM   388 C "C3'" . DA  A 1 19 ? -9.959  -1.166  10.820  0.50 68.04 ? 19  DA  A "C3'" 1 
ATOM   389 O "O3'" . DA  A 1 19 ? -9.250  0.074   10.786  0.50 64.52 ? 19  DA  A "O3'" 1 
ATOM   390 C "C2'" . DA  A 1 19 ? -9.058  -2.094  11.607  0.50 69.61 ? 19  DA  A "C2'" 1 
ATOM   391 C "C1'" . DA  A 1 19 ? -9.219  -1.462  12.971  0.50 72.50 ? 19  DA  A "C1'" 1 
ATOM   392 N N9    . DA  A 1 19 ? -8.772  -2.260  14.111  0.50 75.22 ? 19  DA  A N9    1 
ATOM   393 C C8    . DA  A 1 19 ? -8.583  -3.617  14.191  0.50 74.64 ? 19  DA  A C8    1 
ATOM   394 N N7    . DA  A 1 19 ? -8.157  -4.024  15.362  0.50 74.41 ? 19  DA  A N7    1 
ATOM   395 C C5    . DA  A 1 19 ? -8.049  -2.853  16.102  0.50 76.36 ? 19  DA  A C5    1 
ATOM   396 C C6    . DA  A 1 19 ? -7.646  -2.604  17.425  0.50 76.79 ? 19  DA  A C6    1 
ATOM   397 N N6    . DA  A 1 19 ? -7.261  -3.559  18.274  0.50 79.73 ? 19  DA  A N6    1 
ATOM   398 N N1    . DA  A 1 19 ? -7.651  -1.322  17.852  0.50 75.39 ? 19  DA  A N1    1 
ATOM   399 C C2    . DA  A 1 19 ? -8.037  -0.365  17.000  0.50 74.93 ? 19  DA  A C2    1 
ATOM   400 N N3    . DA  A 1 19 ? -8.438  -0.474  15.736  0.50 75.07 ? 19  DA  A N3    1 
ATOM   401 C C4    . DA  A 1 19 ? -8.419  -1.758  15.342  0.50 76.23 ? 19  DA  A C4    1 
ATOM   402 P P     . DG  A 1 20 ? -8.547  0.725   9.508   1.00 63.83 ? 20  DG  A P     1 
ATOM   403 O OP1   . DG  A 1 20 ? -7.432  -0.136  9.019   1.00 62.36 ? 20  DG  A OP1   1 
ATOM   404 O OP2   . DG  A 1 20 ? -8.271  2.133   9.910   1.00 61.62 ? 20  DG  A OP2   1 
ATOM   405 O "O5'" . DG  A 1 20 ? -9.715  0.693   8.422   1.00 54.82 ? 20  DG  A "O5'" 1 
ATOM   406 C "C5'" . DG  A 1 20 ? -10.722 1.728   8.383   1.00 48.73 ? 20  DG  A "C5'" 1 
ATOM   407 C "C4'" . DG  A 1 20 ? -11.095 2.049   6.954   1.00 41.40 ? 20  DG  A "C4'" 1 
ATOM   408 O "O4'" . DG  A 1 20 ? -10.029 2.791   6.313   1.00 39.91 ? 20  DG  A "O4'" 1 
ATOM   409 C "C3'" . DG  A 1 20 ? -11.343 0.829   6.066   1.00 40.55 ? 20  DG  A "C3'" 1 
ATOM   410 O "O3'" . DG  A 1 20 ? -12.383 1.175   5.157   1.00 45.91 ? 20  DG  A "O3'" 1 
ATOM   411 C "C2'" . DG  A 1 20 ? -10.052 0.693   5.279   1.00 36.14 ? 20  DG  A "C2'" 1 
ATOM   412 C "C1'" . DG  A 1 20 ? -9.687  2.148   5.093   1.00 33.48 ? 20  DG  A "C1'" 1 
ATOM   413 N N9    . DG  A 1 20 ? -8.275  2.384   4.845   1.00 30.26 ? 20  DG  A N9    1 
ATOM   414 C C8    . DG  A 1 20 ? -7.227  2.117   5.692   1.00 29.78 ? 20  DG  A C8    1 
ATOM   415 N N7    . DG  A 1 20 ? -6.069  2.440   5.189   1.00 26.01 ? 20  DG  A N7    1 
ATOM   416 C C5    . DG  A 1 20 ? -6.371  2.958   3.939   1.00 27.20 ? 20  DG  A C5    1 
ATOM   417 C C6    . DG  A 1 20 ? -5.523  3.455   2.933   1.00 25.19 ? 20  DG  A C6    1 
ATOM   418 O O6    . DG  A 1 20 ? -4.291  3.569   2.957   1.00 26.08 ? 20  DG  A O6    1 
ATOM   419 N N1    . DG  A 1 20 ? -6.240  3.861   1.811   1.00 25.18 ? 20  DG  A N1    1 
ATOM   420 C C2    . DG  A 1 20 ? -7.605  3.788   1.676   1.00 25.98 ? 20  DG  A C2    1 
ATOM   421 N N2    . DG  A 1 20 ? -8.118  4.233   0.515   1.00 24.11 ? 20  DG  A N2    1 
ATOM   422 N N3    . DG  A 1 20 ? -8.410  3.329   2.616   1.00 26.76 ? 20  DG  A N3    1 
ATOM   423 C C4    . DG  A 1 20 ? -7.729  2.927   3.711   1.00 27.37 ? 20  DG  A C4    1 
ATOM   424 P P     . DG  A 1 21 ? -13.140 0.046   4.340   1.00 49.44 ? 21  DG  A P     1 
ATOM   425 O OP1   . DG  A 1 21 ? -14.582 0.424   4.430   1.00 50.75 ? 21  DG  A OP1   1 
ATOM   426 O OP2   . DG  A 1 21 ? -12.647 -1.266  4.849   1.00 44.94 ? 21  DG  A OP2   1 
ATOM   427 O "O5'" . DG  A 1 21 ? -12.655 0.203   2.837   1.00 44.96 ? 21  DG  A "O5'" 1 
ATOM   428 C "C5'" . DG  A 1 21 ? -12.793 1.437   2.137   1.00 42.32 ? 21  DG  A "C5'" 1 
ATOM   429 C "C4'" . DG  A 1 21 ? -12.500 1.203   0.675   1.00 44.83 ? 21  DG  A "C4'" 1 
ATOM   430 O "O4'" . DG  A 1 21 ? -11.117 1.514   0.375   1.00 43.59 ? 21  DG  A "O4'" 1 
ATOM   431 C "C3'" . DG  A 1 21 ? -12.718 -0.231  0.199   1.00 43.98 ? 21  DG  A "C3'" 1 
ATOM   432 O "O3'" . DG  A 1 21 ? -13.281 -0.117  -1.107  1.00 47.21 ? 21  DG  A "O3'" 1 
ATOM   433 C "C2'" . DG  A 1 21 ? -11.314 -0.817  0.182   1.00 41.57 ? 21  DG  A "C2'" 1 
ATOM   434 C "C1'" . DG  A 1 21 ? -10.475 0.387   -0.208  1.00 38.60 ? 21  DG  A "C1'" 1 
ATOM   435 N N9    . DG  A 1 21 ? -9.110  0.362   0.293   1.00 32.76 ? 21  DG  A N9    1 
ATOM   436 C C8    . DG  A 1 21 ? -8.701  -0.032  1.545   1.00 32.99 ? 21  DG  A C8    1 
ATOM   437 N N7    . DG  A 1 21 ? -7.414  0.082   1.722   1.00 28.92 ? 21  DG  A N7    1 
ATOM   438 C C5    . DG  A 1 21 ? -6.948  0.619   0.530   1.00 27.20 ? 21  DG  A C5    1 
ATOM   439 C C6    . DG  A 1 21 ? -5.636  0.980   0.137   1.00 25.75 ? 21  DG  A C6    1 
ATOM   440 O O6    . DG  A 1 21 ? -4.592  0.899   0.789   1.00 25.52 ? 21  DG  A O6    1 
ATOM   441 N N1    . DG  A 1 21 ? -5.606  1.468   -1.164  1.00 25.05 ? 21  DG  A N1    1 
ATOM   442 C C2    . DG  A 1 21 ? -6.698  1.606   -1.982  1.00 25.97 ? 21  DG  A C2    1 
ATOM   443 N N2    . DG  A 1 21 ? -6.459  2.104   -3.203  1.00 25.94 ? 21  DG  A N2    1 
ATOM   444 N N3    . DG  A 1 21 ? -7.933  1.294   -1.622  1.00 28.99 ? 21  DG  A N3    1 
ATOM   445 C C4    . DG  A 1 21 ? -7.984  0.804   -0.361  1.00 29.29 ? 21  DG  A C4    1 
ATOM   446 P P     . DG  A 1 22 ? -13.480 -1.326  -2.114  1.00 50.17 ? 22  DG  A P     1 
ATOM   447 O OP1   . DG  A 1 22 ? -14.657 -0.934  -2.928  1.00 53.84 ? 22  DG  A OP1   1 
ATOM   448 O OP2   . DG  A 1 22 ? -13.433 -2.632  -1.412  1.00 48.32 ? 22  DG  A OP2   1 
ATOM   449 O "O5'" . DG  A 1 22 ? -12.205 -1.232  -3.059  1.00 47.74 ? 22  DG  A "O5'" 1 
ATOM   450 C "C5'" . DG  A 1 22 ? -12.139 -0.252  -4.102  1.00 41.55 ? 22  DG  A "C5'" 1 
ATOM   451 C "C4'" . DG  A 1 22 ? -11.176 -0.723  -5.163  1.00 40.36 ? 22  DG  A "C4'" 1 
ATOM   452 O "O4'" . DG  A 1 22 ? -9.826  -0.641  -4.651  1.00 39.45 ? 22  DG  A "O4'" 1 
ATOM   453 C "C3'" . DG  A 1 22 ? -11.352 -2.173  -5.613  1.00 35.88 ? 22  DG  A "C3'" 1 
ATOM   454 O "O3'" . DG  A 1 22 ? -10.986 -2.202  -6.989  1.00 37.15 ? 22  DG  A "O3'" 1 
ATOM   455 C "C2'" . DG  A 1 22 ? -10.282 -2.916  -4.829  1.00 36.57 ? 22  DG  A "C2'" 1 
ATOM   456 C "C1'" . DG  A 1 22 ? -9.168  -1.888  -4.831  1.00 35.69 ? 22  DG  A "C1'" 1 
ATOM   457 N N9    . DG  A 1 22 ? -8.180  -2.002  -3.768  1.00 31.53 ? 22  DG  A N9    1 
ATOM   458 C C8    . DG  A 1 22 ? -8.401  -2.381  -2.465  1.00 29.82 ? 22  DG  A C8    1 
ATOM   459 N N7    . DG  A 1 22 ? -7.333  -2.301  -1.721  1.00 28.37 ? 22  DG  A N7    1 
ATOM   460 C C5    . DG  A 1 22 ? -6.354  -1.821  -2.578  1.00 28.89 ? 22  DG  A C5    1 
ATOM   461 C C6    . DG  A 1 22 ? -4.990  -1.535  -2.339  1.00 27.42 ? 22  DG  A C6    1 
ATOM   462 O O6    . DG  A 1 22 ? -4.355  -1.652  -1.286  1.00 27.83 ? 22  DG  A O6    1 
ATOM   463 N N1    . DG  A 1 22 ? -4.363  -1.035  -3.476  1.00 26.73 ? 22  DG  A N1    1 
ATOM   464 C C2    . DG  A 1 22 ? -4.960  -0.883  -4.705  1.00 28.26 ? 22  DG  A C2    1 
ATOM   465 N N2    . DG  A 1 22 ? -4.179  -0.419  -5.693  1.00 27.77 ? 22  DG  A N2    1 
ATOM   466 N N3    . DG  A 1 22 ? -6.233  -1.159  -4.943  1.00 28.57 ? 22  DG  A N3    1 
ATOM   467 C C4    . DG  A 1 22 ? -6.865  -1.618  -3.842  1.00 28.80 ? 22  DG  A C4    1 
HETATM 468 K K     . K   B 2 .  ? -2.215  -0.472  -0.301  1.00 22.71 ? 101 K   A K     1 
HETATM 469 K K     . K   C 2 .  ? -2.481  2.707   0.979   1.00 21.67 ? 102 K   A K     1 
HETATM 470 K K     . K   D 2 .  ? -2.797  5.806   2.116   0.50 20.12 ? 103 K   A K     1 
HETATM 471 C CAA   . 0DX E 3 .  ? 4.953   -8.071  7.831   1.00 46.16 ? 104 0DX A CAA   1 
HETATM 472 C CAB   . 0DX E 3 .  ? -5.124  -0.156  -13.655 1.00 58.07 ? 104 0DX A CAB   1 
HETATM 473 O OAE   . 0DX E 3 .  ? -4.102  -4.214  -3.114  1.00 33.57 ? 104 0DX A OAE   1 
HETATM 474 O OAF   . 0DX E 3 .  ? 4.053   -4.349  -3.342  1.00 28.52 ? 104 0DX A OAF   1 
HETATM 475 O OAG   . 0DX E 3 .  ? -1.667  -5.399  0.345   1.00 31.29 ? 104 0DX A OAG   1 
HETATM 476 O OAH   . 0DX E 3 .  ? 1.549   -3.190  -6.826  1.00 33.68 ? 104 0DX A OAH   1 
HETATM 477 C CAI   . 0DX E 3 .  ? -1.985  -3.753  -4.763  1.00 29.17 ? 104 0DX A CAI   1 
HETATM 478 C CAJ   . 0DX E 3 .  ? 1.895   -4.807  -1.710  1.00 28.86 ? 104 0DX A CAJ   1 
HETATM 479 C CAK   . 0DX E 3 .  ? 1.908   -6.658  2.142   1.00 32.52 ? 104 0DX A CAK   1 
HETATM 480 C CAL   . 0DX E 3 .  ? -2.328  -3.325  -8.759  1.00 46.60 ? 104 0DX A CAL   1 
HETATM 481 C CAM   . 0DX E 3 .  ? -4.570  -6.494  -0.740  1.00 39.14 ? 104 0DX A CAM   1 
HETATM 482 C CAN   . 0DX E 3 .  ? 4.432   -4.149  -7.028  1.00 46.88 ? 104 0DX A CAN   1 
HETATM 483 C CAO   . 0DX E 3 .  ? 2.042   -6.079  0.738   1.00 29.51 ? 104 0DX A CAO   1 
HETATM 484 C CAP   . 0DX E 3 .  ? -2.169  -2.728  -7.372  1.00 39.69 ? 104 0DX A CAP   1 
HETATM 485 C CAQ   . 0DX E 3 .  ? 3.317   -7.186  2.509   1.00 35.16 ? 104 0DX A CAQ   1 
HETATM 486 C CAR   . 0DX E 3 .  ? -1.872  -2.317  -9.805  1.00 52.08 ? 104 0DX A CAR   1 
HETATM 487 C CAS   . 0DX E 3 .  ? -6.003  -6.641  -0.188  1.00 43.32 ? 104 0DX A CAS   1 
HETATM 488 C CAT   . 0DX E 3 .  ? 5.679   -3.339  -7.467  1.00 58.18 ? 104 0DX A CAT   1 
HETATM 489 C CAU   . 0DX E 3 .  ? 3.745   -6.700  6.253   1.00 44.67 ? 104 0DX A CAU   1 
HETATM 490 C CAV   . 0DX E 3 .  ? 4.537   -8.882  5.633   1.00 45.08 ? 104 0DX A CAV   1 
HETATM 491 C CAW   . 0DX E 3 .  ? -3.392  -1.757  -13.184 1.00 59.63 ? 104 0DX A CAW   1 
HETATM 492 C CAX   . 0DX E 3 .  ? -5.125  -1.078  -11.406 1.00 59.53 ? 104 0DX A CAX   1 
HETATM 493 C CAY   . 0DX E 3 .  ? -7.328  -10.046 -1.320  1.00 50.85 ? 104 0DX A CAY   1 
HETATM 494 C CAZ   . 0DX E 3 .  ? -8.008  -9.668  1.019   1.00 50.82 ? 104 0DX A CAZ   1 
HETATM 495 C CBA   . 0DX E 3 .  ? 5.878   0.425   -6.818  1.00 72.22 ? 104 0DX A CBA   1 
HETATM 496 C CBB   . 0DX E 3 .  ? 7.974   -0.599  -6.280  1.00 76.63 ? 104 0DX A CBB   1 
HETATM 497 C CBC   . 0DX E 3 .  ? 3.578   -6.319  4.764   1.00 43.70 ? 104 0DX A CBC   1 
HETATM 498 C CBD   . 0DX E 3 .  ? 4.453   -8.510  4.141   1.00 43.87 ? 104 0DX A CBD   1 
HETATM 499 C CBE   . 0DX E 3 .  ? -2.757  -2.654  -12.108 1.00 57.65 ? 104 0DX A CBE   1 
HETATM 500 C CBF   . 0DX E 3 .  ? -4.343  -1.930  -10.384 1.00 56.22 ? 104 0DX A CBF   1 
HETATM 501 C CBG   . 0DX E 3 .  ? -6.780  -8.610  -1.408  1.00 47.88 ? 104 0DX A CBG   1 
HETATM 502 C CBH   . 0DX E 3 .  ? -7.436  -8.234  0.978   1.00 49.86 ? 104 0DX A CBH   1 
HETATM 503 C CBI   . 0DX E 3 .  ? 5.265   -0.954  -7.148  1.00 67.40 ? 104 0DX A CBI   1 
HETATM 504 C CBJ   . 0DX E 3 .  ? 7.485   -2.017  -6.608  1.00 68.56 ? 104 0DX A CBJ   1 
HETATM 505 C CBK   . 0DX E 3 .  ? -4.109  -5.031  -0.641  1.00 33.25 ? 104 0DX A CBK   1 
HETATM 506 C CBL   . 0DX E 3 .  ? 4.120   -3.608  -5.660  1.00 40.05 ? 104 0DX A CBL   1 
HETATM 507 N NBM   . 0DX E 3 .  ? 0.810   -5.441  0.296   1.00 28.91 ? 104 0DX A NBM   1 
HETATM 508 N NBN   . 0DX E 3 .  ? -0.877  -3.137  -6.798  1.00 32.43 ? 104 0DX A NBN   1 
HETATM 509 C CBO   . 0DX E 3 .  ? 0.742   -5.024  -0.973  1.00 28.39 ? 104 0DX A CBO   1 
HETATM 510 C CBP   . 0DX E 3 .  ? -0.826  -3.536  -5.512  1.00 31.92 ? 104 0DX A CBP   1 
HETATM 511 C CBQ   . 0DX E 3 .  ? -2.979  -4.394  -2.666  1.00 29.76 ? 104 0DX A CBQ   1 
HETATM 512 C CBR   . 0DX E 3 .  ? 2.910   -4.187  -3.784  1.00 30.38 ? 104 0DX A CBR   1 
HETATM 513 C CBS   . 0DX E 3 .  ? -1.684  -5.006  -0.820  1.00 29.31 ? 104 0DX A CBS   1 
HETATM 514 C CBT   . 0DX E 3 .  ? 1.605   -3.563  -5.654  1.00 32.03 ? 104 0DX A CBT   1 
HETATM 515 C CBU   . 0DX E 3 .  ? -1.862  -4.159  -3.432  1.00 28.37 ? 104 0DX A CBU   1 
HETATM 516 C CBV   . 0DX E 3 .  ? 1.784   -4.398  -3.028  1.00 28.27 ? 104 0DX A CBV   1 
HETATM 517 C CBW   . 0DX E 3 .  ? -0.517  -4.791  -1.531  1.00 28.86 ? 104 0DX A CBW   1 
HETATM 518 C CBX   . 0DX E 3 .  ? 0.439   -3.760  -4.940  1.00 28.83 ? 104 0DX A CBX   1 
HETATM 519 C CBY   . 0DX E 3 .  ? -0.612  -4.371  -2.857  1.00 27.32 ? 104 0DX A CBY   1 
HETATM 520 C CBZ   . 0DX E 3 .  ? 0.534   -4.186  -3.607  1.00 28.83 ? 104 0DX A CBZ   1 
HETATM 521 N NCA   . 0DX E 3 .  ? 4.839   -7.675  6.422   1.00 45.92 ? 104 0DX A NCA   1 
HETATM 522 N NCB   . 0DX E 3 .  ? -4.773  -1.333  -12.841 1.00 58.80 ? 104 0DX A NCB   1 
HETATM 523 O OCC   . 0DX E 3 .  ? -8.405  -10.085 -0.341  1.00 51.40 ? 104 0DX A OCC   1 
HETATM 524 O OCD   . 0DX E 3 .  ? 7.287   0.410   -7.094  1.00 80.89 ? 104 0DX A OCD   1 
HETATM 525 N NCE   . 0DX E 3 .  ? 3.373   -7.537  3.931   1.00 39.59 ? 104 0DX A NCE   1 
HETATM 526 N NCF   . 0DX E 3 .  ? -2.926  -1.994  -10.804 1.00 57.97 ? 104 0DX A NCF   1 
HETATM 527 N NCG   . 0DX E 3 .  ? -6.406  -8.063  -0.075  1.00 47.88 ? 104 0DX A NCG   1 
HETATM 528 N NCH   . 0DX E 3 .  ? 6.007   -2.144  -6.632  1.00 64.64 ? 104 0DX A NCH   1 
HETATM 529 N NCI   . 0DX E 3 .  ? -2.875  -4.812  -1.407  1.00 30.48 ? 104 0DX A NCI   1 
HETATM 530 N NCJ   . 0DX E 3 .  ? 2.797   -3.797  -5.056  1.00 33.20 ? 104 0DX A NCJ   1 
HETATM 531 O O     . HOH F 4 .  ? 5.247   4.331   -9.953  1.00 39.02 ? 201 HOH A O     1 
HETATM 532 O O     . HOH F 4 .  ? 5.194   5.348   -7.379  1.00 30.87 ? 202 HOH A O     1 
HETATM 533 O O     . HOH F 4 .  ? 7.270   -2.270  -1.561  1.00 31.91 ? 203 HOH A O     1 
HETATM 534 O O     . HOH F 4 .  ? 5.829   -0.791  -3.706  1.00 32.15 ? 204 HOH A O     1 
HETATM 535 O O     . HOH F 4 .  ? 7.844   5.122   -6.630  1.00 43.29 ? 205 HOH A O     1 
HETATM 536 O O     . HOH F 4 .  ? 3.127   6.051   -6.153  1.00 30.11 ? 206 HOH A O     1 
HETATM 537 O O     . HOH F 4 .  ? 5.811   5.367   2.130   1.00 29.04 ? 207 HOH A O     1 
HETATM 538 O O     . HOH F 4 .  ? 6.033   0.493   7.171   1.00 53.17 ? 208 HOH A O     1 
HETATM 539 O O     . HOH F 4 .  ? 10.546  -1.010  6.156   1.00 45.90 ? 209 HOH A O     1 
HETATM 540 O O     . HOH F 4 .  ? -8.510  1.905   -5.303  1.00 32.79 ? 210 HOH A O     1 
HETATM 541 O O     . HOH F 4 .  ? 8.525   2.666   -12.380 1.00 41.26 ? 211 HOH A O     1 
HETATM 542 O O     . HOH F 4 .  ? 1.517   10.253  -8.012  1.00 41.12 ? 212 HOH A O     1 
HETATM 543 O O     A HOH F 4 .  ? 3.315   -2.302  5.604   0.50 25.27 ? 213 HOH A O     1 
HETATM 544 O O     B HOH F 4 .  ? 4.566   -1.027  5.516   0.50 27.80 ? 213 HOH A O     1 
HETATM 545 O O     . HOH F 4 .  ? 6.959   3.882   8.442   1.00 57.40 ? 214 HOH A O     1 
HETATM 546 O O     . HOH F 4 .  ? 6.522   -2.328  9.145   1.00 58.40 ? 215 HOH A O     1 
HETATM 547 O O     . HOH F 4 .  ? 1.130   -4.949  6.364   1.00 37.36 ? 216 HOH A O     1 
HETATM 548 O O     . HOH F 4 .  ? 1.167   -8.926  4.518   1.00 46.37 ? 217 HOH A O     1 
HETATM 549 O O     . HOH F 4 .  ? -1.234  -7.904  4.680   1.00 47.68 ? 218 HOH A O     1 
HETATM 550 O O     . HOH F 4 .  ? -2.648  -7.185  2.088   1.00 42.84 ? 219 HOH A O     1 
HETATM 551 O O     . HOH F 4 .  ? -4.845  -9.112  2.143   1.00 49.85 ? 220 HOH A O     1 
HETATM 552 O O     . HOH F 4 .  ? -9.638  -4.775  1.467   1.00 54.69 ? 221 HOH A O     1 
HETATM 553 O O     . HOH F 4 .  ? -8.633  -6.658  3.568   1.00 59.90 ? 222 HOH A O     1 
HETATM 554 O O     . HOH F 4 .  ? -10.158 -2.417  3.213   1.00 41.78 ? 223 HOH A O     1 
HETATM 555 O O     . HOH F 4 .  ? -7.107  -2.285  6.395   1.00 53.07 ? 224 HOH A O     1 
HETATM 556 O O     . HOH F 4 .  ? -4.514  1.203   9.213   1.00 42.42 ? 225 HOH A O     1 
HETATM 557 O O     . HOH F 4 .  ? -10.594 -4.498  -1.366  1.00 50.85 ? 226 HOH A O     1 
HETATM 558 O O     . HOH F 4 .  ? 5.367   -5.132  -1.307  1.00 44.55 ? 227 HOH A O     1 
HETATM 559 O O     . HOH F 4 .  ? 5.507   -7.411  0.322   1.00 45.29 ? 228 HOH A O     1 
HETATM 560 O O     . HOH F 4 .  ? 6.079   -4.685  -9.762  1.00 47.96 ? 229 HOH A O     1 
HETATM 561 O O     . HOH F 4 .  ? 4.408   -7.357  -6.734  1.00 54.93 ? 230 HOH A O     1 
HETATM 562 O O     . HOH F 4 .  ? 0.309   0.312   -14.021 1.00 58.88 ? 231 HOH A O     1 
HETATM 563 O O     . HOH F 4 .  ? 1.757   8.331   -5.815  1.00 32.71 ? 232 HOH A O     1 
HETATM 564 O O     . HOH F 4 .  ? -0.598  12.130  -4.161  1.00 37.44 ? 233 HOH A O     1 
HETATM 565 O O     . HOH F 4 .  ? 1.305   13.229  -6.585  1.00 46.45 ? 234 HOH A O     1 
HETATM 566 O O     . HOH F 4 .  ? 1.652   3.874   -6.522  1.00 35.78 ? 235 HOH A O     1 
HETATM 567 O O     . HOH F 4 .  ? 9.376   1.574   -4.453  1.00 49.35 ? 236 HOH A O     1 
HETATM 568 O O     . HOH F 4 .  ? 10.966  2.569   -6.913  1.00 68.24 ? 237 HOH A O     1 
HETATM 569 O O     . HOH F 4 .  ? 9.405   7.446   -6.400  1.00 45.99 ? 238 HOH A O     1 
HETATM 570 O O     . HOH F 4 .  ? 6.492   13.814  -5.906  1.00 56.99 ? 239 HOH A O     1 
HETATM 571 O O     . HOH F 4 .  ? 10.065  1.881   -16.617 1.00 54.87 ? 240 HOH A O     1 
HETATM 572 O O     . HOH F 4 .  ? 1.254   -10.236 7.747   1.00 63.03 ? 241 HOH A O     1 
HETATM 573 O O     . HOH F 4 .  ? 6.053   -4.907  7.185   1.00 55.92 ? 242 HOH A O     1 
HETATM 574 O O     . HOH F 4 .  ? -10.053 2.956   -2.743  1.00 43.44 ? 243 HOH A O     1 
HETATM 575 O O     . HOH F 4 .  ? -2.884  8.841   -12.453 1.00 58.69 ? 244 HOH A O     1 
HETATM 576 O O     . HOH F 4 .  ? -2.032  7.966   -15.382 1.00 52.68 ? 245 HOH A O     1 
HETATM 577 O O     . HOH F 4 .  ? 9.740   4.284   3.507   1.00 60.63 ? 246 HOH A O     1 
HETATM 578 O O     . HOH F 4 .  ? 8.839   -2.482  7.243   1.00 50.10 ? 247 HOH A O     1 
HETATM 579 O O     . HOH F 4 .  ? -3.325  8.235   -6.167  1.00 38.52 ? 248 HOH A O     1 
HETATM 580 O O     . HOH F 4 .  ? -1.157  7.822   -6.076  1.00 52.73 ? 249 HOH A O     1 
HETATM 581 O O     . HOH F 4 .  ? -5.917  3.577   9.686   1.00 52.28 ? 250 HOH A O     1 
HETATM 582 O O     A HOH F 4 .  ? 4.110   2.275   -5.272  0.50 36.82 ? 251 HOH A O     1 
HETATM 583 O O     B HOH F 4 .  ? 5.589   1.966   -3.860  0.50 26.62 ? 251 HOH A O     1 
# 
loop_
_pdbx_poly_seq_scheme.asym_id 
_pdbx_poly_seq_scheme.entity_id 
_pdbx_poly_seq_scheme.seq_id 
_pdbx_poly_seq_scheme.mon_id 
_pdbx_poly_seq_scheme.ndb_seq_num 
_pdbx_poly_seq_scheme.pdb_seq_num 
_pdbx_poly_seq_scheme.auth_seq_num 
_pdbx_poly_seq_scheme.pdb_mon_id 
_pdbx_poly_seq_scheme.auth_mon_id 
_pdbx_poly_seq_scheme.pdb_strand_id 
_pdbx_poly_seq_scheme.pdb_ins_code 
_pdbx_poly_seq_scheme.hetero 
A 1 1  DA 1  1  ?  ?  ?  A . n 
A 1 2  DG 2  2  2  DG DG A . n 
A 1 3  DG 3  3  3  DG DG A . n 
A 1 4  DG 4  4  4  DG DG A . n 
A 1 5  DT 5  5  5  DT DT A . n 
A 1 6  DT 6  6  6  DT DT A . n 
A 1 7  DA 7  7  7  DA DA A . n 
A 1 8  DG 8  8  8  DG DG A . n 
A 1 9  DG 9  9  9  DG DG A . n 
A 1 10 DG 10 10 10 DG DG A . n 
A 1 11 DT 11 11 11 DT DT A . n 
A 1 12 DT 12 12 12 DT DT A . n 
A 1 13 DA 13 13 13 DA DA A . n 
A 1 14 DG 14 14 14 DG DG A . n 
A 1 15 DG 15 15 15 DG DG A . n 
A 1 16 DG 16 16 16 DG DG A . n 
A 1 17 DT 17 17 17 DT DT A . n 
A 1 18 DT 18 18 18 DT DT A . n 
A 1 19 DA 19 19 19 DA DA A . n 
A 1 20 DG 20 20 20 DG DG A . n 
A 1 21 DG 21 21 21 DG DG A . n 
A 1 22 DG 22 22 22 DG DG A . n 
# 
loop_
_pdbx_nonpoly_scheme.asym_id 
_pdbx_nonpoly_scheme.entity_id 
_pdbx_nonpoly_scheme.mon_id 
_pdbx_nonpoly_scheme.ndb_seq_num 
_pdbx_nonpoly_scheme.pdb_seq_num 
_pdbx_nonpoly_scheme.auth_seq_num 
_pdbx_nonpoly_scheme.pdb_mon_id 
_pdbx_nonpoly_scheme.auth_mon_id 
_pdbx_nonpoly_scheme.pdb_strand_id 
_pdbx_nonpoly_scheme.pdb_ins_code 
B 2 K   1  101 1  K   K   A . 
C 2 K   1  102 2  K   K   A . 
D 2 K   1  103 3  K   K   A . 
E 3 0DX 1  104 23 0DX 0DX A . 
F 4 HOH 1  201 1  HOH HOH A . 
F 4 HOH 2  202 2  HOH HOH A . 
F 4 HOH 3  203 3  HOH HOH A . 
F 4 HOH 4  204 4  HOH HOH A . 
F 4 HOH 5  205 5  HOH HOH A . 
F 4 HOH 6  206 6  HOH HOH A . 
F 4 HOH 7  207 7  HOH HOH A . 
F 4 HOH 8  208 8  HOH HOH A . 
F 4 HOH 9  209 9  HOH HOH A . 
F 4 HOH 10 210 10 HOH HOH A . 
F 4 HOH 11 211 11 HOH HOH A . 
F 4 HOH 12 212 12 HOH HOH A . 
F 4 HOH 13 213 13 HOH HOH A . 
F 4 HOH 14 214 14 HOH HOH A . 
F 4 HOH 15 215 15 HOH HOH A . 
F 4 HOH 16 216 16 HOH HOH A . 
F 4 HOH 17 217 17 HOH HOH A . 
F 4 HOH 18 218 18 HOH HOH A . 
F 4 HOH 19 219 19 HOH HOH A . 
F 4 HOH 20 220 20 HOH HOH A . 
F 4 HOH 21 221 21 HOH HOH A . 
F 4 HOH 22 222 22 HOH HOH A . 
F 4 HOH 23 223 23 HOH HOH A . 
F 4 HOH 24 224 24 HOH HOH A . 
F 4 HOH 25 225 25 HOH HOH A . 
F 4 HOH 26 226 26 HOH HOH A . 
F 4 HOH 27 227 27 HOH HOH A . 
F 4 HOH 28 228 28 HOH HOH A . 
F 4 HOH 29 229 29 HOH HOH A . 
F 4 HOH 30 230 30 HOH HOH A . 
F 4 HOH 31 231 31 HOH HOH A . 
F 4 HOH 32 232 32 HOH HOH A . 
F 4 HOH 33 233 33 HOH HOH A . 
F 4 HOH 34 234 34 HOH HOH A . 
F 4 HOH 35 235 35 HOH HOH A . 
F 4 HOH 36 236 36 HOH HOH A . 
F 4 HOH 37 237 37 HOH HOH A . 
F 4 HOH 38 238 38 HOH HOH A . 
F 4 HOH 39 239 39 HOH HOH A . 
F 4 HOH 40 240 40 HOH HOH A . 
F 4 HOH 41 241 41 HOH HOH A . 
F 4 HOH 42 242 42 HOH HOH A . 
F 4 HOH 43 243 43 HOH HOH A . 
F 4 HOH 44 244 44 HOH HOH A . 
F 4 HOH 45 245 45 HOH HOH A . 
F 4 HOH 46 246 46 HOH HOH A . 
F 4 HOH 47 247 47 HOH HOH A . 
F 4 HOH 48 248 48 HOH HOH A . 
F 4 HOH 49 249 49 HOH HOH A . 
F 4 HOH 50 250 50 HOH HOH A . 
F 4 HOH 51 251 51 HOH HOH A . 
# 
_pdbx_struct_assembly.id                   1 
_pdbx_struct_assembly.details              author_and_software_defined_assembly 
_pdbx_struct_assembly.method_details       PISA 
_pdbx_struct_assembly.oligomeric_details   monomeric 
_pdbx_struct_assembly.oligomeric_count     1 
# 
_pdbx_struct_assembly_gen.assembly_id       1 
_pdbx_struct_assembly_gen.oper_expression   1 
_pdbx_struct_assembly_gen.asym_id_list      A,B,C,D,E,F 
# 
_pdbx_struct_oper_list.id                   1 
_pdbx_struct_oper_list.type                 'identity operation' 
_pdbx_struct_oper_list.name                 1_555 
_pdbx_struct_oper_list.symmetry_operation   x,y,z 
_pdbx_struct_oper_list.matrix[1][1]         1.0000000000 
_pdbx_struct_oper_list.matrix[1][2]         0.0000000000 
_pdbx_struct_oper_list.matrix[1][3]         0.0000000000 
_pdbx_struct_oper_list.vector[1]            0.0000000000 
_pdbx_struct_oper_list.matrix[2][1]         0.0000000000 
_pdbx_struct_oper_list.matrix[2][2]         1.0000000000 
_pdbx_struct_oper_list.matrix[2][3]         0.0000000000 
_pdbx_struct_oper_list.vector[2]            0.0000000000 
_pdbx_struct_oper_list.matrix[3][1]         0.0000000000 
_pdbx_struct_oper_list.matrix[3][2]         0.0000000000 
_pdbx_struct_oper_list.matrix[3][3]         1.0000000000 
_pdbx_struct_oper_list.vector[3]            0.0000000000 
# 
_pdbx_struct_special_symmetry.id              1 
_pdbx_struct_special_symmetry.PDB_model_num   1 
_pdbx_struct_special_symmetry.auth_asym_id    A 
_pdbx_struct_special_symmetry.auth_comp_id    K 
_pdbx_struct_special_symmetry.auth_seq_id     103 
_pdbx_struct_special_symmetry.PDB_ins_code    ? 
_pdbx_struct_special_symmetry.label_asym_id   D 
_pdbx_struct_special_symmetry.label_comp_id   K 
_pdbx_struct_special_symmetry.label_seq_id    . 
# 
loop_
_pdbx_struct_conn_angle.id 
_pdbx_struct_conn_angle.ptnr1_label_atom_id 
_pdbx_struct_conn_angle.ptnr1_label_alt_id 
_pdbx_struct_conn_angle.ptnr1_label_asym_id 
_pdbx_struct_conn_angle.ptnr1_label_comp_id 
_pdbx_struct_conn_angle.ptnr1_label_seq_id 
_pdbx_struct_conn_angle.ptnr1_auth_atom_id 
_pdbx_struct_conn_angle.ptnr1_auth_asym_id 
_pdbx_struct_conn_angle.ptnr1_auth_comp_id 
_pdbx_struct_conn_angle.ptnr1_auth_seq_id 
_pdbx_struct_conn_angle.ptnr1_PDB_ins_code 
_pdbx_struct_conn_angle.ptnr1_symmetry 
_pdbx_struct_conn_angle.ptnr2_label_atom_id 
_pdbx_struct_conn_angle.ptnr2_label_alt_id 
_pdbx_struct_conn_angle.ptnr2_label_asym_id 
_pdbx_struct_conn_angle.ptnr2_label_comp_id 
_pdbx_struct_conn_angle.ptnr2_label_seq_id 
_pdbx_struct_conn_angle.ptnr2_auth_atom_id 
_pdbx_struct_conn_angle.ptnr2_auth_asym_id 
_pdbx_struct_conn_angle.ptnr2_auth_comp_id 
_pdbx_struct_conn_angle.ptnr2_auth_seq_id 
_pdbx_struct_conn_angle.ptnr2_PDB_ins_code 
_pdbx_struct_conn_angle.ptnr2_symmetry 
_pdbx_struct_conn_angle.ptnr3_label_atom_id 
_pdbx_struct_conn_angle.ptnr3_label_alt_id 
_pdbx_struct_conn_angle.ptnr3_label_asym_id 
_pdbx_struct_conn_angle.ptnr3_label_comp_id 
_pdbx_struct_conn_angle.ptnr3_label_seq_id 
_pdbx_struct_conn_angle.ptnr3_auth_atom_id 
_pdbx_struct_conn_angle.ptnr3_auth_asym_id 
_pdbx_struct_conn_angle.ptnr3_auth_comp_id 
_pdbx_struct_conn_angle.ptnr3_auth_seq_id 
_pdbx_struct_conn_angle.ptnr3_PDB_ins_code 
_pdbx_struct_conn_angle.ptnr3_symmetry 
_pdbx_struct_conn_angle.value 
_pdbx_struct_conn_angle.value_esd 
1  O6 ? A DG 2  ? A DG 2  ? 1_555 K ? C K . ? A K 102 ? 1_555 O6 ? A DG 3  ? A DG 3  ? 1_555 73.0  ? 
2  O6 ? A DG 2  ? A DG 2  ? 1_555 K ? C K . ? A K 102 ? 1_555 O6 ? A DG 8  ? A DG 8  ? 1_555 70.0  ? 
3  O6 ? A DG 3  ? A DG 3  ? 1_555 K ? C K . ? A K 102 ? 1_555 O6 ? A DG 8  ? A DG 8  ? 1_555 89.5  ? 
4  O6 ? A DG 2  ? A DG 2  ? 1_555 K ? C K . ? A K 102 ? 1_555 O6 ? A DG 9  ? A DG 9  ? 1_555 130.3 ? 
5  O6 ? A DG 3  ? A DG 3  ? 1_555 K ? C K . ? A K 102 ? 1_555 O6 ? A DG 9  ? A DG 9  ? 1_555 71.4  ? 
6  O6 ? A DG 8  ? A DG 8  ? 1_555 K ? C K . ? A K 102 ? 1_555 O6 ? A DG 9  ? A DG 9  ? 1_555 76.1  ? 
7  O6 ? A DG 2  ? A DG 2  ? 1_555 K ? C K . ? A K 102 ? 1_555 O6 ? A DG 14 ? A DG 14 ? 1_555 107.9 ? 
8  O6 ? A DG 3  ? A DG 3  ? 1_555 K ? C K . ? A K 102 ? 1_555 O6 ? A DG 14 ? A DG 14 ? 1_555 154.7 ? 
9  O6 ? A DG 8  ? A DG 8  ? 1_555 K ? C K . ? A K 102 ? 1_555 O6 ? A DG 14 ? A DG 14 ? 1_555 68.0  ? 
10 O6 ? A DG 9  ? A DG 9  ? 1_555 K ? C K . ? A K 102 ? 1_555 O6 ? A DG 14 ? A DG 14 ? 1_555 91.1  ? 
11 O6 ? A DG 2  ? A DG 2  ? 1_555 K ? C K . ? A K 102 ? 1_555 O6 ? A DG 15 ? A DG 15 ? 1_555 156.7 ? 
12 O6 ? A DG 3  ? A DG 3  ? 1_555 K ? C K . ? A K 102 ? 1_555 O6 ? A DG 15 ? A DG 15 ? 1_555 111.0 ? 
13 O6 ? A DG 8  ? A DG 8  ? 1_555 K ? C K . ? A K 102 ? 1_555 O6 ? A DG 15 ? A DG 15 ? 1_555 131.7 ? 
14 O6 ? A DG 9  ? A DG 9  ? 1_555 K ? C K . ? A K 102 ? 1_555 O6 ? A DG 15 ? A DG 15 ? 1_555 70.5  ? 
15 O6 ? A DG 14 ? A DG 14 ? 1_555 K ? C K . ? A K 102 ? 1_555 O6 ? A DG 15 ? A DG 15 ? 1_555 78.5  ? 
16 O6 ? A DG 2  ? A DG 2  ? 1_555 K ? C K . ? A K 102 ? 1_555 O6 ? A DG 20 ? A DG 20 ? 1_555 71.9  ? 
17 O6 ? A DG 3  ? A DG 3  ? 1_555 K ? C K . ? A K 102 ? 1_555 O6 ? A DG 20 ? A DG 20 ? 1_555 132.2 ? 
18 O6 ? A DG 8  ? A DG 8  ? 1_555 K ? C K . ? A K 102 ? 1_555 O6 ? A DG 20 ? A DG 20 ? 1_555 107.5 ? 
19 O6 ? A DG 9  ? A DG 9  ? 1_555 K ? C K . ? A K 102 ? 1_555 O6 ? A DG 20 ? A DG 20 ? 1_555 155.1 ? 
20 O6 ? A DG 14 ? A DG 14 ? 1_555 K ? C K . ? A K 102 ? 1_555 O6 ? A DG 20 ? A DG 20 ? 1_555 68.7  ? 
21 O6 ? A DG 15 ? A DG 15 ? 1_555 K ? C K . ? A K 102 ? 1_555 O6 ? A DG 20 ? A DG 20 ? 1_555 90.7  ? 
22 O6 ? A DG 2  ? A DG 2  ? 1_555 K ? C K . ? A K 102 ? 1_555 O6 ? A DG 21 ? A DG 21 ? 1_555 88.0  ? 
23 O6 ? A DG 3  ? A DG 3  ? 1_555 K ? C K . ? A K 102 ? 1_555 O6 ? A DG 21 ? A DG 21 ? 1_555 71.2  ? 
24 O6 ? A DG 8  ? A DG 8  ? 1_555 K ? C K . ? A K 102 ? 1_555 O6 ? A DG 21 ? A DG 21 ? 1_555 154.4 ? 
25 O6 ? A DG 9  ? A DG 9  ? 1_555 K ? C K . ? A K 102 ? 1_555 O6 ? A DG 21 ? A DG 21 ? 1_555 111.6 ? 
26 O6 ? A DG 14 ? A DG 14 ? 1_555 K ? C K . ? A K 102 ? 1_555 O6 ? A DG 21 ? A DG 21 ? 1_555 133.6 ? 
27 O6 ? A DG 15 ? A DG 15 ? 1_555 K ? C K . ? A K 102 ? 1_555 O6 ? A DG 21 ? A DG 21 ? 1_555 72.6  ? 
28 O6 ? A DG 20 ? A DG 20 ? 1_555 K ? C K . ? A K 102 ? 1_555 O6 ? A DG 21 ? A DG 21 ? 1_555 76.1  ? 
29 O6 ? A DG 2  ? A DG 2  ? 1_555 K ? D K . ? A K 103 ? 1_555 O6 ? A DG 8  ? A DG 8  ? 1_555 68.1  ? 
30 O6 ? A DG 2  ? A DG 2  ? 1_555 K ? D K . ? A K 103 ? 1_555 O6 ? A DG 14 ? A DG 14 ? 1_555 108.4 ? 
31 O6 ? A DG 8  ? A DG 8  ? 1_555 K ? D K . ? A K 103 ? 1_555 O6 ? A DG 14 ? A DG 14 ? 1_555 70.0  ? 
32 O6 ? A DG 2  ? A DG 2  ? 1_555 K ? D K . ? A K 103 ? 1_555 O6 ? A DG 20 ? A DG 20 ? 1_555 70.1  ? 
33 O6 ? A DG 8  ? A DG 8  ? 1_555 K ? D K . ? A K 103 ? 1_555 O6 ? A DG 20 ? A DG 20 ? 1_555 107.3 ? 
34 O6 ? A DG 14 ? A DG 14 ? 1_555 K ? D K . ? A K 103 ? 1_555 O6 ? A DG 20 ? A DG 20 ? 1_555 70.7  ? 
35 O6 ? A DG 3  ? A DG 3  ? 1_555 K ? B K . ? A K 101 ? 1_555 O6 ? A DG 4  ? A DG 4  ? 1_555 72.7  ? 
36 O6 ? A DG 3  ? A DG 3  ? 1_555 K ? B K . ? A K 101 ? 1_555 O6 ? A DG 9  ? A DG 9  ? 1_555 65.5  ? 
37 O6 ? A DG 4  ? A DG 4  ? 1_555 K ? B K . ? A K 101 ? 1_555 O6 ? A DG 9  ? A DG 9  ? 1_555 90.7  ? 
38 O6 ? A DG 3  ? A DG 3  ? 1_555 K ? B K . ? A K 101 ? 1_555 O6 ? A DG 10 ? A DG 10 ? 1_555 125.5 ? 
39 O6 ? A DG 4  ? A DG 4  ? 1_555 K ? B K . ? A K 101 ? 1_555 O6 ? A DG 10 ? A DG 10 ? 1_555 75.6  ? 
40 O6 ? A DG 9  ? A DG 9  ? 1_555 K ? B K . ? A K 101 ? 1_555 O6 ? A DG 10 ? A DG 10 ? 1_555 71.9  ? 
41 O6 ? A DG 3  ? A DG 3  ? 1_555 K ? B K . ? A K 101 ? 1_555 O6 ? A DG 15 ? A DG 15 ? 1_555 102.7 ? 
42 O6 ? A DG 4  ? A DG 4  ? 1_555 K ? B K . ? A K 101 ? 1_555 O6 ? A DG 15 ? A DG 15 ? 1_555 154.3 ? 
43 O6 ? A DG 9  ? A DG 9  ? 1_555 K ? B K . ? A K 101 ? 1_555 O6 ? A DG 15 ? A DG 15 ? 1_555 65.2  ? 
44 O6 ? A DG 10 ? A DG 10 ? 1_555 K ? B K . ? A K 101 ? 1_555 O6 ? A DG 15 ? A DG 15 ? 1_555 87.9  ? 
45 O6 ? A DG 3  ? A DG 3  ? 1_555 K ? B K . ? A K 101 ? 1_555 O6 ? A DG 16 ? A DG 16 ? 1_555 154.1 ? 
46 O6 ? A DG 4  ? A DG 4  ? 1_555 K ? B K . ? A K 101 ? 1_555 O6 ? A DG 16 ? A DG 16 ? 1_555 128.5 ? 
47 O6 ? A DG 9  ? A DG 9  ? 1_555 K ? B K . ? A K 101 ? 1_555 O6 ? A DG 16 ? A DG 16 ? 1_555 121.7 ? 
48 O6 ? A DG 10 ? A DG 10 ? 1_555 K ? B K . ? A K 101 ? 1_555 O6 ? A DG 16 ? A DG 16 ? 1_555 78.4  ? 
49 O6 ? A DG 15 ? A DG 15 ? 1_555 K ? B K . ? A K 101 ? 1_555 O6 ? A DG 16 ? A DG 16 ? 1_555 64.8  ? 
50 O6 ? A DG 3  ? A DG 3  ? 1_555 K ? B K . ? A K 101 ? 1_555 O6 ? A DG 21 ? A DG 21 ? 1_555 66.6  ? 
51 O6 ? A DG 4  ? A DG 4  ? 1_555 K ? B K . ? A K 101 ? 1_555 O6 ? A DG 21 ? A DG 21 ? 1_555 128.1 ? 
52 O6 ? A DG 9  ? A DG 9  ? 1_555 K ? B K . ? A K 101 ? 1_555 O6 ? A DG 21 ? A DG 21 ? 1_555 100.1 ? 
53 O6 ? A DG 10 ? A DG 10 ? 1_555 K ? B K . ? A K 101 ? 1_555 O6 ? A DG 21 ? A DG 21 ? 1_555 155.8 ? 
54 O6 ? A DG 15 ? A DG 15 ? 1_555 K ? B K . ? A K 101 ? 1_555 O6 ? A DG 21 ? A DG 21 ? 1_555 68.3  ? 
55 O6 ? A DG 16 ? A DG 16 ? 1_555 K ? B K . ? A K 101 ? 1_555 O6 ? A DG 21 ? A DG 21 ? 1_555 87.5  ? 
56 O6 ? A DG 3  ? A DG 3  ? 1_555 K ? B K . ? A K 101 ? 1_555 O6 ? A DG 22 ? A DG 22 ? 1_555 92.5  ? 
57 O6 ? A DG 4  ? A DG 4  ? 1_555 K ? B K . ? A K 101 ? 1_555 O6 ? A DG 22 ? A DG 22 ? 1_555 79.1  ? 
58 O6 ? A DG 9  ? A DG 9  ? 1_555 K ? B K . ? A K 101 ? 1_555 O6 ? A DG 22 ? A DG 22 ? 1_555 157.8 ? 
59 O6 ? A DG 10 ? A DG 10 ? 1_555 K ? B K . ? A K 101 ? 1_555 O6 ? A DG 22 ? A DG 22 ? 1_555 123.3 ? 
60 O6 ? A DG 15 ? A DG 15 ? 1_555 K ? B K . ? A K 101 ? 1_555 O6 ? A DG 22 ? A DG 22 ? 1_555 126.6 ? 
61 O6 ? A DG 16 ? A DG 16 ? 1_555 K ? B K . ? A K 101 ? 1_555 O6 ? A DG 22 ? A DG 22 ? 1_555 79.4  ? 
62 O6 ? A DG 21 ? A DG 21 ? 1_555 K ? B K . ? A K 101 ? 1_555 O6 ? A DG 22 ? A DG 22 ? 1_555 72.1  ? 
# 
loop_
_pdbx_audit_revision_history.ordinal 
_pdbx_audit_revision_history.data_content_type 
_pdbx_audit_revision_history.major_revision 
_pdbx_audit_revision_history.minor_revision 
_pdbx_audit_revision_history.revision_date 
1 'Structure model' 1 0 2013-01-02 
2 'Structure model' 1 1 2013-04-03 
3 'Structure model' 1 2 2013-04-24 
4 'Structure model' 1 3 2017-11-08 
5 'Structure model' 1 4 2023-09-13 
# 
_pdbx_audit_revision_details.ordinal             1 
_pdbx_audit_revision_details.revision_ordinal    1 
_pdbx_audit_revision_details.data_content_type   'Structure model' 
_pdbx_audit_revision_details.provider            repository 
_pdbx_audit_revision_details.type                'Initial release' 
_pdbx_audit_revision_details.description         ? 
_pdbx_audit_revision_details.details             ? 
# 
loop_
_pdbx_audit_revision_group.ordinal 
_pdbx_audit_revision_group.revision_ordinal 
_pdbx_audit_revision_group.data_content_type 
_pdbx_audit_revision_group.group 
1 2 'Structure model' 'Database references'    
2 3 'Structure model' 'Database references'    
3 4 'Structure model' 'Refinement description' 
4 5 'Structure model' 'Data collection'        
5 5 'Structure model' 'Database references'    
6 5 'Structure model' 'Derived calculations'   
7 5 'Structure model' 'Refinement description' 
# 
loop_
_pdbx_audit_revision_category.ordinal 
_pdbx_audit_revision_category.revision_ordinal 
_pdbx_audit_revision_category.data_content_type 
_pdbx_audit_revision_category.category 
1 4 'Structure model' software                      
2 5 'Structure model' chem_comp_atom                
3 5 'Structure model' chem_comp_bond                
4 5 'Structure model' database_2                    
5 5 'Structure model' pdbx_initial_refinement_model 
6 5 'Structure model' pdbx_struct_conn_angle        
7 5 'Structure model' struct_conn                   
8 5 'Structure model' struct_site                   
# 
loop_
_pdbx_audit_revision_item.ordinal 
_pdbx_audit_revision_item.revision_ordinal 
_pdbx_audit_revision_item.data_content_type 
_pdbx_audit_revision_item.item 
1  4 'Structure model' '_software.name'                              
2  5 'Structure model' '_database_2.pdbx_DOI'                        
3  5 'Structure model' '_database_2.pdbx_database_accession'         
4  5 'Structure model' '_pdbx_struct_conn_angle.ptnr1_auth_seq_id'   
5  5 'Structure model' '_pdbx_struct_conn_angle.ptnr1_label_seq_id'  
6  5 'Structure model' '_pdbx_struct_conn_angle.ptnr2_auth_seq_id'   
7  5 'Structure model' '_pdbx_struct_conn_angle.ptnr2_label_asym_id' 
8  5 'Structure model' '_pdbx_struct_conn_angle.ptnr3_auth_seq_id'   
9  5 'Structure model' '_pdbx_struct_conn_angle.ptnr3_label_seq_id'  
10 5 'Structure model' '_pdbx_struct_conn_angle.value'               
11 5 'Structure model' '_struct_conn.pdbx_dist_value'                
12 5 'Structure model' '_struct_conn.ptnr1_auth_seq_id'              
13 5 'Structure model' '_struct_conn.ptnr1_label_seq_id'             
14 5 'Structure model' '_struct_conn.ptnr2_auth_seq_id'              
15 5 'Structure model' '_struct_conn.ptnr2_label_asym_id'            
16 5 'Structure model' '_struct_site.pdbx_auth_asym_id'              
17 5 'Structure model' '_struct_site.pdbx_auth_comp_id'              
18 5 'Structure model' '_struct_site.pdbx_auth_seq_id'               
# 
loop_
_software.name 
_software.classification 
_software.version 
_software.citation_id 
_software.pdbx_ordinal 
CrysalisPro 'data collection' Pro      ? 1 
PHASER      phasing           .        ? 2 
REFMAC      refinement        5.6.0117 ? 3 
xia2        'data scaling'    .        ? 4 
xia2        'data reduction'  .        ? 5 
SCALA       'data scaling'    .        ? 6 
# 
loop_
_pdbx_validate_rmsd_angle.id 
_pdbx_validate_rmsd_angle.PDB_model_num 
_pdbx_validate_rmsd_angle.auth_atom_id_1 
_pdbx_validate_rmsd_angle.auth_asym_id_1 
_pdbx_validate_rmsd_angle.auth_comp_id_1 
_pdbx_validate_rmsd_angle.auth_seq_id_1 
_pdbx_validate_rmsd_angle.PDB_ins_code_1 
_pdbx_validate_rmsd_angle.label_alt_id_1 
_pdbx_validate_rmsd_angle.auth_atom_id_2 
_pdbx_validate_rmsd_angle.auth_asym_id_2 
_pdbx_validate_rmsd_angle.auth_comp_id_2 
_pdbx_validate_rmsd_angle.auth_seq_id_2 
_pdbx_validate_rmsd_angle.PDB_ins_code_2 
_pdbx_validate_rmsd_angle.label_alt_id_2 
_pdbx_validate_rmsd_angle.auth_atom_id_3 
_pdbx_validate_rmsd_angle.auth_asym_id_3 
_pdbx_validate_rmsd_angle.auth_comp_id_3 
_pdbx_validate_rmsd_angle.auth_seq_id_3 
_pdbx_validate_rmsd_angle.PDB_ins_code_3 
_pdbx_validate_rmsd_angle.label_alt_id_3 
_pdbx_validate_rmsd_angle.angle_value 
_pdbx_validate_rmsd_angle.angle_target_value 
_pdbx_validate_rmsd_angle.angle_deviation 
_pdbx_validate_rmsd_angle.angle_standard_deviation 
_pdbx_validate_rmsd_angle.linker_flag 
1 1 "C3'" A DG 4  ? ? "O3'" A DG 4  ? ? P     A DT 5  ? A 135.59 119.70 15.89  1.20 Y 
2 1 "C3'" A DG 4  ? ? "O3'" A DG 4  ? ? P     A DT 5  ? B 107.02 119.70 -12.68 1.20 Y 
3 1 "C3'" A DT 11 ? ? "O3'" A DT 11 ? ? P     A DT 12 ? ? 127.76 119.70 8.06   1.20 Y 
4 1 "C1'" A DA 13 ? ? "O4'" A DA 13 ? ? "C4'" A DA 13 ? ? 103.55 110.10 -6.55  1.00 N 
5 1 "C3'" A DG 15 ? ? "O3'" A DG 15 ? ? P     A DG 16 ? ? 109.74 119.70 -9.96  1.20 Y 
# 
_pdbx_unobs_or_zero_occ_residues.id               1 
_pdbx_unobs_or_zero_occ_residues.PDB_model_num    1 
_pdbx_unobs_or_zero_occ_residues.polymer_flag     Y 
_pdbx_unobs_or_zero_occ_residues.occupancy_flag   1 
_pdbx_unobs_or_zero_occ_residues.auth_asym_id     A 
_pdbx_unobs_or_zero_occ_residues.auth_comp_id     DA 
_pdbx_unobs_or_zero_occ_residues.auth_seq_id      1 
_pdbx_unobs_or_zero_occ_residues.PDB_ins_code     ? 
_pdbx_unobs_or_zero_occ_residues.label_asym_id    A 
_pdbx_unobs_or_zero_occ_residues.label_comp_id    DA 
_pdbx_unobs_or_zero_occ_residues.label_seq_id     1 
# 
loop_
_chem_comp_atom.comp_id 
_chem_comp_atom.atom_id 
_chem_comp_atom.type_symbol 
_chem_comp_atom.pdbx_aromatic_flag 
_chem_comp_atom.pdbx_stereo_config 
_chem_comp_atom.pdbx_ordinal 
0DX CAA    C N N 1   
0DX CAB    C N N 2   
0DX OAE    O N N 3   
0DX OAF    O N N 4   
0DX OAG    O N N 5   
0DX OAH    O N N 6   
0DX CAI    C Y N 7   
0DX CAJ    C Y N 8   
0DX CAK    C N N 9   
0DX CAL    C N N 10  
0DX CAM    C N N 11  
0DX CAN    C N N 12  
0DX CAO    C N N 13  
0DX CAP    C N N 14  
0DX CAQ    C N N 15  
0DX CAR    C N N 16  
0DX CAS    C N N 17  
0DX CAT    C N N 18  
0DX CAU    C N N 19  
0DX CAV    C N N 20  
0DX CAW    C N N 21  
0DX CAX    C N N 22  
0DX CAY    C N N 23  
0DX CAZ    C N N 24  
0DX CBA    C N N 25  
0DX CBB    C N N 26  
0DX CBC    C N N 27  
0DX CBD    C N N 28  
0DX CBE    C N N 29  
0DX CBF    C N N 30  
0DX CBG    C N N 31  
0DX CBH    C N N 32  
0DX CBI    C N N 33  
0DX CBJ    C N N 34  
0DX CBK    C N N 35  
0DX CBL    C N N 36  
0DX NBM    N N N 37  
0DX NBN    N N N 38  
0DX CBO    C Y N 39  
0DX CBP    C Y N 40  
0DX CBQ    C N N 41  
0DX CBR    C N N 42  
0DX CBS    C N N 43  
0DX CBT    C N N 44  
0DX CBU    C Y N 45  
0DX CBV    C Y N 46  
0DX CBW    C Y N 47  
0DX CBX    C Y N 48  
0DX CBY    C Y N 49  
0DX CBZ    C Y N 50  
0DX NCA    N N N 51  
0DX NCB    N N N 52  
0DX OCC    O N N 53  
0DX OCD    O N N 54  
0DX NCE    N N N 55  
0DX NCF    N N N 56  
0DX NCG    N N N 57  
0DX NCH    N N N 58  
0DX NCI    N N N 59  
0DX NCJ    N N N 60  
0DX HAA    H N N 61  
0DX HAAA   H N N 62  
0DX HAAB   H N N 63  
0DX HAB    H N N 64  
0DX HABA   H N N 65  
0DX HABB   H N N 66  
0DX HAI    H N N 67  
0DX HAJ    H N N 68  
0DX HAK    H N N 69  
0DX HAKA   H N N 70  
0DX HAL    H N N 71  
0DX HALA   H N N 72  
0DX HAM    H N N 73  
0DX HAMA   H N N 74  
0DX HAN    H N N 75  
0DX HANA   H N N 76  
0DX HAO    H N N 77  
0DX HAOA   H N N 78  
0DX HAP    H N N 79  
0DX HAPA   H N N 80  
0DX HAQ    H N N 81  
0DX HAQA   H N N 82  
0DX HAR    H N N 83  
0DX HARA   H N N 84  
0DX HAS    H N N 85  
0DX HASA   H N N 86  
0DX HAT    H N N 87  
0DX HATA   H N N 88  
0DX HAU    H N N 89  
0DX HAUA   H N N 90  
0DX HAV    H N N 91  
0DX HAVA   H N N 92  
0DX HAW    H N N 93  
0DX HAWA   H N N 94  
0DX HAX    H N N 95  
0DX HAXA   H N N 96  
0DX HAY    H N N 97  
0DX HAYA   H N N 98  
0DX HAZ    H N N 99  
0DX HAZA   H N N 100 
0DX HBA    H N N 101 
0DX HBAA   H N N 102 
0DX HBB    H N N 103 
0DX HBBA   H N N 104 
0DX HBC    H N N 105 
0DX HBCA   H N N 106 
0DX HBD    H N N 107 
0DX HBDA   H N N 108 
0DX HBE    H N N 109 
0DX HBEA   H N N 110 
0DX HBF    H N N 111 
0DX HBFA   H N N 112 
0DX HBG    H N N 113 
0DX HBGA   H N N 114 
0DX HBH    H N N 115 
0DX HBHA   H N N 116 
0DX HBI    H N N 117 
0DX HBIA   H N N 118 
0DX HBJ    H N N 119 
0DX HBJA   H N N 120 
0DX HBK    H N N 121 
0DX HBKA   H N N 122 
0DX HBL    H N N 123 
0DX HBLA   H N N 124 
0DX HNBM   H N N 125 
0DX HNBN   H N N 126 
DA  OP3    O N N 127 
DA  P      P N N 128 
DA  OP1    O N N 129 
DA  OP2    O N N 130 
DA  "O5'"  O N N 131 
DA  "C5'"  C N N 132 
DA  "C4'"  C N R 133 
DA  "O4'"  O N N 134 
DA  "C3'"  C N S 135 
DA  "O3'"  O N N 136 
DA  "C2'"  C N N 137 
DA  "C1'"  C N R 138 
DA  N9     N Y N 139 
DA  C8     C Y N 140 
DA  N7     N Y N 141 
DA  C5     C Y N 142 
DA  C6     C Y N 143 
DA  N6     N N N 144 
DA  N1     N Y N 145 
DA  C2     C Y N 146 
DA  N3     N Y N 147 
DA  C4     C Y N 148 
DA  HOP3   H N N 149 
DA  HOP2   H N N 150 
DA  "H5'"  H N N 151 
DA  "H5''" H N N 152 
DA  "H4'"  H N N 153 
DA  "H3'"  H N N 154 
DA  "HO3'" H N N 155 
DA  "H2'"  H N N 156 
DA  "H2''" H N N 157 
DA  "H1'"  H N N 158 
DA  H8     H N N 159 
DA  H61    H N N 160 
DA  H62    H N N 161 
DA  H2     H N N 162 
DG  OP3    O N N 163 
DG  P      P N N 164 
DG  OP1    O N N 165 
DG  OP2    O N N 166 
DG  "O5'"  O N N 167 
DG  "C5'"  C N N 168 
DG  "C4'"  C N R 169 
DG  "O4'"  O N N 170 
DG  "C3'"  C N S 171 
DG  "O3'"  O N N 172 
DG  "C2'"  C N N 173 
DG  "C1'"  C N R 174 
DG  N9     N Y N 175 
DG  C8     C Y N 176 
DG  N7     N Y N 177 
DG  C5     C Y N 178 
DG  C6     C N N 179 
DG  O6     O N N 180 
DG  N1     N N N 181 
DG  C2     C N N 182 
DG  N2     N N N 183 
DG  N3     N N N 184 
DG  C4     C Y N 185 
DG  HOP3   H N N 186 
DG  HOP2   H N N 187 
DG  "H5'"  H N N 188 
DG  "H5''" H N N 189 
DG  "H4'"  H N N 190 
DG  "H3'"  H N N 191 
DG  "HO3'" H N N 192 
DG  "H2'"  H N N 193 
DG  "H2''" H N N 194 
DG  "H1'"  H N N 195 
DG  H8     H N N 196 
DG  H1     H N N 197 
DG  H21    H N N 198 
DG  H22    H N N 199 
DT  OP3    O N N 200 
DT  P      P N N 201 
DT  OP1    O N N 202 
DT  OP2    O N N 203 
DT  "O5'"  O N N 204 
DT  "C5'"  C N N 205 
DT  "C4'"  C N R 206 
DT  "O4'"  O N N 207 
DT  "C3'"  C N S 208 
DT  "O3'"  O N N 209 
DT  "C2'"  C N N 210 
DT  "C1'"  C N R 211 
DT  N1     N N N 212 
DT  C2     C N N 213 
DT  O2     O N N 214 
DT  N3     N N N 215 
DT  C4     C N N 216 
DT  O4     O N N 217 
DT  C5     C N N 218 
DT  C7     C N N 219 
DT  C6     C N N 220 
DT  HOP3   H N N 221 
DT  HOP2   H N N 222 
DT  "H5'"  H N N 223 
DT  "H5''" H N N 224 
DT  "H4'"  H N N 225 
DT  "H3'"  H N N 226 
DT  "HO3'" H N N 227 
DT  "H2'"  H N N 228 
DT  "H2''" H N N 229 
DT  "H1'"  H N N 230 
DT  H3     H N N 231 
DT  H71    H N N 232 
DT  H72    H N N 233 
DT  H73    H N N 234 
DT  H6     H N N 235 
HOH O      O N N 236 
HOH H1     H N N 237 
HOH H2     H N N 238 
K   K      K N N 239 
# 
loop_
_chem_comp_bond.comp_id 
_chem_comp_bond.atom_id_1 
_chem_comp_bond.atom_id_2 
_chem_comp_bond.value_order 
_chem_comp_bond.pdbx_aromatic_flag 
_chem_comp_bond.pdbx_stereo_config 
_chem_comp_bond.pdbx_ordinal 
0DX NCA   CAA    sing N N 1   
0DX CAA   HAA    sing N N 2   
0DX CAA   HAAA   sing N N 3   
0DX CAA   HAAB   sing N N 4   
0DX CAB   NCB    sing N N 5   
0DX CAB   HAB    sing N N 6   
0DX CAB   HABA   sing N N 7   
0DX CAB   HABB   sing N N 8   
0DX OAE   CBQ    doub N N 9   
0DX CBR   OAF    doub N N 10  
0DX CBS   OAG    doub N N 11  
0DX OAH   CBT    doub N N 12  
0DX CBP   CAI    doub Y N 13  
0DX CAI   CBU    sing Y N 14  
0DX CAI   HAI    sing N N 15  
0DX CBV   CAJ    doub Y N 16  
0DX CAJ   CBO    sing Y N 17  
0DX CAJ   HAJ    sing N N 18  
0DX CAO   CAK    sing N N 19  
0DX CAK   CAQ    sing N N 20  
0DX CAK   HAK    sing N N 21  
0DX CAK   HAKA   sing N N 22  
0DX CAR   CAL    sing N N 23  
0DX CAL   CAP    sing N N 24  
0DX CAL   HAL    sing N N 25  
0DX CAL   HALA   sing N N 26  
0DX CBK   CAM    sing N N 27  
0DX CAM   CAS    sing N N 28  
0DX CAM   HAM    sing N N 29  
0DX CAM   HAMA   sing N N 30  
0DX CAN   CAT    sing N N 31  
0DX CAN   CBL    sing N N 32  
0DX CAN   HAN    sing N N 33  
0DX CAN   HANA   sing N N 34  
0DX NBM   CAO    sing N N 35  
0DX CAO   HAO    sing N N 36  
0DX CAO   HAOA   sing N N 37  
0DX CAP   NBN    sing N N 38  
0DX CAP   HAP    sing N N 39  
0DX CAP   HAPA   sing N N 40  
0DX CAQ   NCE    sing N N 41  
0DX CAQ   HAQ    sing N N 42  
0DX CAQ   HAQA   sing N N 43  
0DX NCF   CAR    sing N N 44  
0DX CAR   HAR    sing N N 45  
0DX CAR   HARA   sing N N 46  
0DX CAS   NCG    sing N N 47  
0DX CAS   HAS    sing N N 48  
0DX CAS   HASA   sing N N 49  
0DX NCH   CAT    sing N N 50  
0DX CAT   HAT    sing N N 51  
0DX CAT   HATA   sing N N 52  
0DX CBC   CAU    sing N N 53  
0DX CAU   NCA    sing N N 54  
0DX CAU   HAU    sing N N 55  
0DX CAU   HAUA   sing N N 56  
0DX CBD   CAV    sing N N 57  
0DX NCA   CAV    sing N N 58  
0DX CAV   HAV    sing N N 59  
0DX CAV   HAVA   sing N N 60  
0DX NCB   CAW    sing N N 61  
0DX CAW   CBE    sing N N 62  
0DX CAW   HAW    sing N N 63  
0DX CAW   HAWA   sing N N 64  
0DX CAX   NCB    sing N N 65  
0DX CAX   CBF    sing N N 66  
0DX CAX   HAX    sing N N 67  
0DX CAX   HAXA   sing N N 68  
0DX CBG   CAY    sing N N 69  
0DX CAY   OCC    sing N N 70  
0DX CAY   HAY    sing N N 71  
0DX CAY   HAYA   sing N N 72  
0DX CBH   CAZ    sing N N 73  
0DX CAZ   OCC    sing N N 74  
0DX CAZ   HAZ    sing N N 75  
0DX CAZ   HAZA   sing N N 76  
0DX CBA   CBI    sing N N 77  
0DX CBA   OCD    sing N N 78  
0DX CBA   HBA    sing N N 79  
0DX CBA   HBAA   sing N N 80  
0DX OCD   CBB    sing N N 81  
0DX CBB   CBJ    sing N N 82  
0DX CBB   HBB    sing N N 83  
0DX CBB   HBBA   sing N N 84  
0DX CBC   NCE    sing N N 85  
0DX CBC   HBC    sing N N 86  
0DX CBC   HBCA   sing N N 87  
0DX NCE   CBD    sing N N 88  
0DX CBD   HBD    sing N N 89  
0DX CBD   HBDA   sing N N 90  
0DX NCF   CBE    sing N N 91  
0DX CBE   HBE    sing N N 92  
0DX CBE   HBEA   sing N N 93  
0DX CBF   NCF    sing N N 94  
0DX CBF   HBF    sing N N 95  
0DX CBF   HBFA   sing N N 96  
0DX NCG   CBG    sing N N 97  
0DX CBG   HBG    sing N N 98  
0DX CBG   HBGA   sing N N 99  
0DX NCG   CBH    sing N N 100 
0DX CBH   HBH    sing N N 101 
0DX CBH   HBHA   sing N N 102 
0DX CBI   NCH    sing N N 103 
0DX CBI   HBI    sing N N 104 
0DX CBI   HBIA   sing N N 105 
0DX NCH   CBJ    sing N N 106 
0DX CBJ   HBJ    sing N N 107 
0DX CBJ   HBJA   sing N N 108 
0DX NCI   CBK    sing N N 109 
0DX CBK   HBK    sing N N 110 
0DX CBK   HBKA   sing N N 111 
0DX NCJ   CBL    sing N N 112 
0DX CBL   HBL    sing N N 113 
0DX CBL   HBLA   sing N N 114 
0DX CBO   NBM    sing N N 115 
0DX NBM   HNBM   sing N N 116 
0DX NBN   CBP    sing N N 117 
0DX NBN   HNBN   sing N N 118 
0DX CBW   CBO    doub Y N 119 
0DX CBP   CBX    sing Y N 120 
0DX CBU   CBQ    sing N N 121 
0DX CBQ   NCI    sing N N 122 
0DX NCJ   CBR    sing N N 123 
0DX CBR   CBV    sing N N 124 
0DX NCI   CBS    sing N N 125 
0DX CBW   CBS    sing N N 126 
0DX CBT   CBX    sing N N 127 
0DX CBT   NCJ    sing N N 128 
0DX CBU   CBY    doub Y N 129 
0DX CBZ   CBV    sing Y N 130 
0DX CBY   CBW    sing Y N 131 
0DX CBX   CBZ    doub Y N 132 
0DX CBZ   CBY    sing Y N 133 
DA  OP3   P      sing N N 134 
DA  OP3   HOP3   sing N N 135 
DA  P     OP1    doub N N 136 
DA  P     OP2    sing N N 137 
DA  P     "O5'"  sing N N 138 
DA  OP2   HOP2   sing N N 139 
DA  "O5'" "C5'"  sing N N 140 
DA  "C5'" "C4'"  sing N N 141 
DA  "C5'" "H5'"  sing N N 142 
DA  "C5'" "H5''" sing N N 143 
DA  "C4'" "O4'"  sing N N 144 
DA  "C4'" "C3'"  sing N N 145 
DA  "C4'" "H4'"  sing N N 146 
DA  "O4'" "C1'"  sing N N 147 
DA  "C3'" "O3'"  sing N N 148 
DA  "C3'" "C2'"  sing N N 149 
DA  "C3'" "H3'"  sing N N 150 
DA  "O3'" "HO3'" sing N N 151 
DA  "C2'" "C1'"  sing N N 152 
DA  "C2'" "H2'"  sing N N 153 
DA  "C2'" "H2''" sing N N 154 
DA  "C1'" N9     sing N N 155 
DA  "C1'" "H1'"  sing N N 156 
DA  N9    C8     sing Y N 157 
DA  N9    C4     sing Y N 158 
DA  C8    N7     doub Y N 159 
DA  C8    H8     sing N N 160 
DA  N7    C5     sing Y N 161 
DA  C5    C6     sing Y N 162 
DA  C5    C4     doub Y N 163 
DA  C6    N6     sing N N 164 
DA  C6    N1     doub Y N 165 
DA  N6    H61    sing N N 166 
DA  N6    H62    sing N N 167 
DA  N1    C2     sing Y N 168 
DA  C2    N3     doub Y N 169 
DA  C2    H2     sing N N 170 
DA  N3    C4     sing Y N 171 
DG  OP3   P      sing N N 172 
DG  OP3   HOP3   sing N N 173 
DG  P     OP1    doub N N 174 
DG  P     OP2    sing N N 175 
DG  P     "O5'"  sing N N 176 
DG  OP2   HOP2   sing N N 177 
DG  "O5'" "C5'"  sing N N 178 
DG  "C5'" "C4'"  sing N N 179 
DG  "C5'" "H5'"  sing N N 180 
DG  "C5'" "H5''" sing N N 181 
DG  "C4'" "O4'"  sing N N 182 
DG  "C4'" "C3'"  sing N N 183 
DG  "C4'" "H4'"  sing N N 184 
DG  "O4'" "C1'"  sing N N 185 
DG  "C3'" "O3'"  sing N N 186 
DG  "C3'" "C2'"  sing N N 187 
DG  "C3'" "H3'"  sing N N 188 
DG  "O3'" "HO3'" sing N N 189 
DG  "C2'" "C1'"  sing N N 190 
DG  "C2'" "H2'"  sing N N 191 
DG  "C2'" "H2''" sing N N 192 
DG  "C1'" N9     sing N N 193 
DG  "C1'" "H1'"  sing N N 194 
DG  N9    C8     sing Y N 195 
DG  N9    C4     sing Y N 196 
DG  C8    N7     doub Y N 197 
DG  C8    H8     sing N N 198 
DG  N7    C5     sing Y N 199 
DG  C5    C6     sing N N 200 
DG  C5    C4     doub Y N 201 
DG  C6    O6     doub N N 202 
DG  C6    N1     sing N N 203 
DG  N1    C2     sing N N 204 
DG  N1    H1     sing N N 205 
DG  C2    N2     sing N N 206 
DG  C2    N3     doub N N 207 
DG  N2    H21    sing N N 208 
DG  N2    H22    sing N N 209 
DG  N3    C4     sing N N 210 
DT  OP3   P      sing N N 211 
DT  OP3   HOP3   sing N N 212 
DT  P     OP1    doub N N 213 
DT  P     OP2    sing N N 214 
DT  P     "O5'"  sing N N 215 
DT  OP2   HOP2   sing N N 216 
DT  "O5'" "C5'"  sing N N 217 
DT  "C5'" "C4'"  sing N N 218 
DT  "C5'" "H5'"  sing N N 219 
DT  "C5'" "H5''" sing N N 220 
DT  "C4'" "O4'"  sing N N 221 
DT  "C4'" "C3'"  sing N N 222 
DT  "C4'" "H4'"  sing N N 223 
DT  "O4'" "C1'"  sing N N 224 
DT  "C3'" "O3'"  sing N N 225 
DT  "C3'" "C2'"  sing N N 226 
DT  "C3'" "H3'"  sing N N 227 
DT  "O3'" "HO3'" sing N N 228 
DT  "C2'" "C1'"  sing N N 229 
DT  "C2'" "H2'"  sing N N 230 
DT  "C2'" "H2''" sing N N 231 
DT  "C1'" N1     sing N N 232 
DT  "C1'" "H1'"  sing N N 233 
DT  N1    C2     sing N N 234 
DT  N1    C6     sing N N 235 
DT  C2    O2     doub N N 236 
DT  C2    N3     sing N N 237 
DT  N3    C4     sing N N 238 
DT  N3    H3     sing N N 239 
DT  C4    O4     doub N N 240 
DT  C4    C5     sing N N 241 
DT  C5    C7     sing N N 242 
DT  C5    C6     doub N N 243 
DT  C7    H71    sing N N 244 
DT  C7    H72    sing N N 245 
DT  C7    H73    sing N N 246 
DT  C6    H6     sing N N 247 
HOH O     H1     sing N N 248 
HOH O     H2     sing N N 249 
# 
loop_
_ndb_struct_conf_na.entry_id 
_ndb_struct_conf_na.feature 
3UYH 'double helix'    
3UYH 'quadruple helix' 
# 
loop_
_ndb_struct_na_base_pair.model_number 
_ndb_struct_na_base_pair.i_label_asym_id 
_ndb_struct_na_base_pair.i_label_comp_id 
_ndb_struct_na_base_pair.i_label_seq_id 
_ndb_struct_na_base_pair.i_symmetry 
_ndb_struct_na_base_pair.j_label_asym_id 
_ndb_struct_na_base_pair.j_label_comp_id 
_ndb_struct_na_base_pair.j_label_seq_id 
_ndb_struct_na_base_pair.j_symmetry 
_ndb_struct_na_base_pair.shear 
_ndb_struct_na_base_pair.stretch 
_ndb_struct_na_base_pair.stagger 
_ndb_struct_na_base_pair.buckle 
_ndb_struct_na_base_pair.propeller 
_ndb_struct_na_base_pair.opening 
_ndb_struct_na_base_pair.pair_number 
_ndb_struct_na_base_pair.pair_name 
_ndb_struct_na_base_pair.i_auth_asym_id 
_ndb_struct_na_base_pair.i_auth_seq_id 
_ndb_struct_na_base_pair.i_PDB_ins_code 
_ndb_struct_na_base_pair.j_auth_asym_id 
_ndb_struct_na_base_pair.j_auth_seq_id 
_ndb_struct_na_base_pair.j_PDB_ins_code 
_ndb_struct_na_base_pair.hbond_type_28 
_ndb_struct_na_base_pair.hbond_type_12 
1 A DG 8  1_555 A DG 14 1_555 1.439  3.453  0.256  -0.464 -10.143 -92.257 1 A_DG8:DG14_A  A 8  ? A 14 ? 6 3 
1 A DG 9  1_555 A DG 15 1_555 1.601  3.273  -0.033 0.713  -5.350  -94.314 2 A_DG9:DG15_A  A 9  ? A 15 ? 6 3 
1 A DG 10 1_555 A DG 16 1_555 1.619  3.458  0.107  6.554  -11.895 -89.862 3 A_DG10:DG16_A A 10 ? A 16 ? 6 3 
1 A DG 4  1_555 A DG 22 1_555 -1.838 -3.398 -0.054 -7.980 7.859   87.977  4 A_DG4:DG22_A  A 4  ? A 22 ? 6 3 
1 A DG 3  1_555 A DG 21 1_555 -1.554 -3.386 0.456  -4.393 0.412   92.758  5 A_DG3:DG21_A  A 3  ? A 21 ? 6 3 
1 A DG 2  1_555 A DG 20 1_555 -1.589 -3.892 0.346  1.469  -3.571  88.051  6 A_DG2:DG20_A  A 2  ? A 20 ? 6 3 
# 
loop_
_ndb_struct_na_base_pair_step.model_number 
_ndb_struct_na_base_pair_step.i_label_asym_id_1 
_ndb_struct_na_base_pair_step.i_label_comp_id_1 
_ndb_struct_na_base_pair_step.i_label_seq_id_1 
_ndb_struct_na_base_pair_step.i_symmetry_1 
_ndb_struct_na_base_pair_step.j_label_asym_id_1 
_ndb_struct_na_base_pair_step.j_label_comp_id_1 
_ndb_struct_na_base_pair_step.j_label_seq_id_1 
_ndb_struct_na_base_pair_step.j_symmetry_1 
_ndb_struct_na_base_pair_step.i_label_asym_id_2 
_ndb_struct_na_base_pair_step.i_label_comp_id_2 
_ndb_struct_na_base_pair_step.i_label_seq_id_2 
_ndb_struct_na_base_pair_step.i_symmetry_2 
_ndb_struct_na_base_pair_step.j_label_asym_id_2 
_ndb_struct_na_base_pair_step.j_label_comp_id_2 
_ndb_struct_na_base_pair_step.j_label_seq_id_2 
_ndb_struct_na_base_pair_step.j_symmetry_2 
_ndb_struct_na_base_pair_step.shift 
_ndb_struct_na_base_pair_step.slide 
_ndb_struct_na_base_pair_step.rise 
_ndb_struct_na_base_pair_step.tilt 
_ndb_struct_na_base_pair_step.roll 
_ndb_struct_na_base_pair_step.twist 
_ndb_struct_na_base_pair_step.x_displacement 
_ndb_struct_na_base_pair_step.y_displacement 
_ndb_struct_na_base_pair_step.helical_rise 
_ndb_struct_na_base_pair_step.inclination 
_ndb_struct_na_base_pair_step.tip 
_ndb_struct_na_base_pair_step.helical_twist 
_ndb_struct_na_base_pair_step.step_number 
_ndb_struct_na_base_pair_step.step_name 
_ndb_struct_na_base_pair_step.i_auth_asym_id_1 
_ndb_struct_na_base_pair_step.i_auth_seq_id_1 
_ndb_struct_na_base_pair_step.i_PDB_ins_code_1 
_ndb_struct_na_base_pair_step.j_auth_asym_id_1 
_ndb_struct_na_base_pair_step.j_auth_seq_id_1 
_ndb_struct_na_base_pair_step.j_PDB_ins_code_1 
_ndb_struct_na_base_pair_step.i_auth_asym_id_2 
_ndb_struct_na_base_pair_step.i_auth_seq_id_2 
_ndb_struct_na_base_pair_step.i_PDB_ins_code_2 
_ndb_struct_na_base_pair_step.j_auth_asym_id_2 
_ndb_struct_na_base_pair_step.j_auth_seq_id_2 
_ndb_struct_na_base_pair_step.j_PDB_ins_code_2 
1 A DG 8  1_555 A DG 14 1_555 A DG 9  1_555 A DG 15 1_555 -0.537 -0.828 3.337  0.461  -0.670 32.865   -1.347 1.030 3.345  -1.184 
-0.815 32.875   1 AA_DG8DG9:DG15DG14_AA  A 8  ? A 14 ? A 9  ? A 15 ? 
1 A DG 9  1_555 A DG 15 1_555 A DG 10 1_555 A DG 16 1_555 -0.687 -0.580 3.173  0.958  8.383  24.616   -3.453 1.774 2.798  18.964 
-2.167 26.001   2 AA_DG9DG10:DG16DG15_AA A 9  ? A 15 ? A 10 ? A 16 ? 
1 A DG 10 1_555 A DG 16 1_555 A DG 4  1_555 A DG 22 1_555 1.619  3.479  0.351  12.305 -9.110 -179.625 -1.739 0.810 0.351  4.555  
6.153  -179.629 3 AA_DG10DG4:DG22DG16_AA A 10 ? A 16 ? A 4  ? A 22 ? 
1 A DG 4  1_555 A DG 22 1_555 A DG 3  1_555 A DG 21 1_555 0.562  0.705  -3.309 -1.022 -7.209 -25.089  -3.485 1.517 -2.969 16.165 
-2.293 -26.108  4 AA_DG4DG3:DG21DG22_AA  A 4  ? A 22 ? A 3  ? A 21 ? 
1 A DG 3  1_555 A DG 21 1_555 A DG 2  1_555 A DG 20 1_555 0.135  0.740  -3.267 -1.858 -1.779 -34.009  -1.542 0.523 -3.213 3.037  
-3.171 -34.103  5 AA_DG3DG2:DG20DG21_AA  A 3  ? A 21 ? A 2  ? A 20 ? 
# 
loop_
_pdbx_entity_nonpoly.entity_id 
_pdbx_entity_nonpoly.name 
_pdbx_entity_nonpoly.comp_id 
2 'POTASSIUM ION' K   
3 
;4,9-bis{[3-(4-methylpiperazin-1-yl)propyl]amino}-2,7-bis[3-(morpholin-4-yl)propyl]benzo[lmn][3,8]phenanthroline-1,3,6,8(2H,7H)-tetrone
;
0DX 
4 water HOH 
# 
_pdbx_initial_refinement_model.id               1 
_pdbx_initial_refinement_model.entity_id_list   ? 
_pdbx_initial_refinement_model.type             'experimental model' 
_pdbx_initial_refinement_model.source_name      PDB 
_pdbx_initial_refinement_model.accession_code   3SC8 
_pdbx_initial_refinement_model.details          'PDB ENTRY 3SC8' 
# 
